data_8GHY
#
_entry.id   8GHY
#
_cell.length_a   69.495
_cell.length_b   81.007
_cell.length_c   131.922
_cell.angle_alpha   90.000
_cell.angle_beta   90.000
_cell.angle_gamma   90.000
#
_symmetry.space_group_name_H-M   'P 21 21 21'
#
loop_
_entity.id
_entity.type
_entity.pdbx_description
1 polymer 'Cellulase CelD'
2 branched beta-D-glucopyranose-(1-4)-beta-D-glucopyranose-(1-4)-beta-D-glucopyranose
3 water water
#
_entity_poly.entity_id   1
_entity_poly.type   'polypeptide(L)'
_entity_poly.pdbx_seq_one_letter_code
;SNAIRDISSIELIKEMRFGWNLGNTLDAECTSWMDYEKNPIGSETCWGNVKTNEDIFKTLMDNQFNVFRIPTTWTGHIGE
APEYKINEQWMKRVHEIVDYPYKNGAFVILNIHHETWNHAFAETVDEAKVELAQVWKQIAEEFKGYGERLIFEGQNAPRK
NGTPVEWNGGDKEGWDVVNAMNAVFLETVRSSGGNNAKRHLMIPPYAAACNENSFKNFDFPEDDDKVIASVHAYSPYNFA
LNNGEGAVDKFDASGKNELDWNINLMKKRFVDQGIPMILGEYGAMNRDNEEERAAWAEYYMEKITALGVPQVWWDNGVFE
GEGERFGLIDRKNLKIVYPSIVAALQKGRGLEVNVLHAIETEPEE
;
_entity_poly.pdbx_strand_id   A,B
#
# COMPACT_ATOMS: atom_id res chain seq x y z
N SER A 1 -12.38 18.19 4.20
CA SER A 1 -11.15 18.93 4.41
C SER A 1 -10.90 19.88 3.25
N ASN A 2 -11.38 21.12 3.37
CA ASN A 2 -11.33 22.09 2.28
C ASN A 2 -10.38 23.26 2.56
N ALA A 3 -9.46 23.10 3.50
CA ALA A 3 -8.52 24.17 3.79
C ALA A 3 -7.51 24.30 2.66
N ILE A 4 -7.10 25.55 2.39
CA ILE A 4 -6.04 25.82 1.43
C ILE A 4 -5.15 26.92 2.02
N ARG A 5 -3.85 26.67 2.04
CA ARG A 5 -2.91 27.71 2.46
C ARG A 5 -2.84 28.79 1.41
N ASP A 6 -2.80 30.04 1.87
CA ASP A 6 -2.64 31.22 1.02
C ASP A 6 -1.16 31.53 0.98
N ILE A 7 -0.46 30.99 0.00
CA ILE A 7 1.00 31.02 -0.05
C ILE A 7 1.44 31.21 -1.49
N SER A 8 2.51 31.99 -1.70
CA SER A 8 3.00 32.23 -3.05
C SER A 8 3.61 30.95 -3.62
N SER A 9 3.65 30.87 -4.96
CA SER A 9 4.24 29.68 -5.59
C SER A 9 5.71 29.54 -5.24
N ILE A 10 6.45 30.66 -5.22
CA ILE A 10 7.88 30.57 -4.90
C ILE A 10 8.08 29.98 -3.51
N GLU A 11 7.21 30.35 -2.56
CA GLU A 11 7.30 29.78 -1.22
C GLU A 11 6.86 28.33 -1.19
N LEU A 12 5.79 28.00 -1.91
CA LEU A 12 5.30 26.62 -1.93
C LEU A 12 6.33 25.67 -2.54
N ILE A 13 6.96 26.11 -3.64
CA ILE A 13 7.95 25.29 -4.34
C ILE A 13 9.12 24.89 -3.45
N LYS A 14 9.42 25.67 -2.40
CA LYS A 14 10.48 25.30 -1.47
C LYS A 14 10.22 23.97 -0.79
N GLU A 15 8.96 23.58 -0.67
CA GLU A 15 8.58 22.32 -0.03
C GLU A 15 8.73 21.12 -0.94
N MET A 16 9.07 21.33 -2.20
CA MET A 16 9.20 20.24 -3.17
C MET A 16 10.62 19.70 -3.18
N ARG A 17 10.73 18.37 -3.08
CA ARG A 17 12.03 17.72 -3.16
C ARG A 17 12.33 17.40 -4.63
N PHE A 18 11.71 16.35 -5.15
CA PHE A 18 11.75 16.04 -6.57
C PHE A 18 10.54 15.17 -6.88
N GLY A 19 10.27 14.95 -8.16
CA GLY A 19 8.99 14.43 -8.59
C GLY A 19 9.10 13.24 -9.53
N TRP A 20 7.94 12.67 -9.84
CA TRP A 20 7.81 11.49 -10.68
C TRP A 20 6.52 11.60 -11.47
N ASN A 21 6.57 11.28 -12.76
CA ASN A 21 5.42 11.31 -13.65
C ASN A 21 4.82 9.91 -13.78
N LEU A 22 3.49 9.83 -13.71
CA LEU A 22 2.75 8.62 -14.05
C LEU A 22 2.55 8.59 -15.56
N GLY A 23 3.67 8.36 -16.28
CA GLY A 23 3.65 8.51 -17.73
C GLY A 23 3.05 7.31 -18.46
N ASN A 24 2.61 7.58 -19.69
CA ASN A 24 2.01 6.55 -20.56
C ASN A 24 0.88 5.81 -19.86
N THR A 25 0.10 6.54 -19.09
CA THR A 25 -0.97 5.95 -18.30
C THR A 25 -2.28 6.68 -18.57
N LEU A 26 -2.65 7.68 -17.75
CA LEU A 26 -3.86 8.41 -18.10
C LEU A 26 -3.67 9.27 -19.35
N ASP A 27 -2.42 9.46 -19.79
CA ASP A 27 -2.12 10.18 -21.01
C ASP A 27 -2.14 9.28 -22.24
N ALA A 28 -2.23 7.96 -22.05
CA ALA A 28 -2.29 7.04 -23.18
C ALA A 28 -3.56 7.24 -23.99
N GLU A 29 -3.41 7.26 -25.32
CA GLU A 29 -4.49 7.61 -26.22
C GLU A 29 -4.61 6.53 -27.28
N CYS A 30 -5.72 5.77 -27.22
CA CYS A 30 -5.89 4.58 -28.05
C CYS A 30 -7.22 4.60 -28.81
N THR A 31 -7.69 5.79 -29.19
CA THR A 31 -8.98 5.88 -29.86
C THR A 31 -8.98 5.25 -31.25
N SER A 32 -7.81 4.98 -31.82
CA SER A 32 -7.76 4.34 -33.14
C SER A 32 -8.23 2.89 -33.09
N TRP A 33 -8.22 2.24 -31.92
CA TRP A 33 -8.61 0.83 -31.86
C TRP A 33 -9.42 0.44 -30.63
N MET A 34 -9.42 1.23 -29.56
CA MET A 34 -10.21 0.90 -28.38
C MET A 34 -11.56 1.59 -28.44
N ASP A 35 -12.60 0.88 -28.01
CA ASP A 35 -13.94 1.43 -27.94
C ASP A 35 -14.12 2.07 -26.56
N TYR A 36 -13.98 3.40 -26.51
CA TYR A 36 -14.10 4.10 -25.24
C TYR A 36 -15.52 4.07 -24.69
N GLU A 37 -16.52 3.80 -25.53
CA GLU A 37 -17.88 3.65 -25.01
C GLU A 37 -18.03 2.38 -24.20
N LYS A 38 -17.48 1.27 -24.69
CA LYS A 38 -17.54 0.02 -23.94
C LYS A 38 -16.45 -0.08 -22.88
N ASN A 39 -15.34 0.65 -23.03
CA ASN A 39 -14.25 0.63 -22.05
C ASN A 39 -13.94 2.06 -21.63
N PRO A 40 -14.80 2.68 -20.80
CA PRO A 40 -14.67 4.13 -20.55
C PRO A 40 -13.44 4.51 -19.74
N ILE A 41 -12.79 3.59 -19.03
CA ILE A 41 -11.55 3.94 -18.35
C ILE A 41 -10.44 3.00 -18.80
N GLY A 42 -10.66 2.29 -19.91
CA GLY A 42 -9.70 1.30 -20.36
C GLY A 42 -8.41 1.88 -20.89
N SER A 43 -8.45 3.14 -21.36
CA SER A 43 -7.24 3.74 -21.94
C SER A 43 -6.09 3.80 -20.93
N GLU A 44 -6.40 3.83 -19.62
CA GLU A 44 -5.36 3.86 -18.60
C GLU A 44 -4.26 2.81 -18.84
N THR A 45 -4.65 1.61 -19.24
CA THR A 45 -3.70 0.52 -19.39
C THR A 45 -3.45 0.18 -20.86
N CYS A 46 -3.89 1.03 -21.78
CA CYS A 46 -3.86 0.67 -23.20
C CYS A 46 -2.50 0.85 -23.83
N TRP A 47 -1.55 1.49 -23.14
CA TRP A 47 -0.16 1.51 -23.58
C TRP A 47 0.70 0.56 -22.74
N GLY A 48 0.08 -0.40 -22.06
CA GLY A 48 0.81 -1.49 -21.46
C GLY A 48 1.20 -1.33 -20.00
N ASN A 49 0.84 -0.22 -19.36
CA ASN A 49 1.15 -0.09 -17.95
C ASN A 49 0.07 -0.77 -17.12
N VAL A 50 0.45 -1.18 -15.90
CA VAL A 50 -0.51 -1.81 -15.01
C VAL A 50 -1.54 -0.78 -14.53
N LYS A 51 -2.68 -1.27 -14.08
CA LYS A 51 -3.66 -0.41 -13.44
C LYS A 51 -2.99 0.27 -12.24
N THR A 52 -3.15 1.59 -12.17
CA THR A 52 -2.48 2.37 -11.13
C THR A 52 -3.06 2.03 -9.76
N ASN A 53 -2.18 2.00 -8.75
CA ASN A 53 -2.60 1.76 -7.38
C ASN A 53 -1.79 2.65 -6.45
N GLU A 54 -2.27 2.73 -5.20
CA GLU A 54 -1.65 3.63 -4.22
C GLU A 54 -0.25 3.20 -3.86
N ASP A 55 0.06 1.90 -3.99
CA ASP A 55 1.34 1.41 -3.52
C ASP A 55 2.49 1.78 -4.43
N ILE A 56 2.22 2.01 -5.73
CA ILE A 56 3.21 2.64 -6.59
C ILE A 56 3.69 3.94 -5.98
N PHE A 57 2.74 4.78 -5.55
CA PHE A 57 3.12 6.08 -5.02
C PHE A 57 3.80 5.97 -3.66
N LYS A 58 3.36 5.05 -2.80
CA LYS A 58 4.00 4.89 -1.51
C LYS A 58 5.43 4.38 -1.66
N THR A 59 5.66 3.50 -2.64
CA THR A 59 7.02 3.04 -2.91
C THR A 59 7.92 4.21 -3.26
N LEU A 60 7.42 5.13 -4.09
CA LEU A 60 8.19 6.31 -4.47
C LEU A 60 8.33 7.28 -3.31
N MET A 61 7.28 7.45 -2.51
CA MET A 61 7.36 8.37 -1.39
C MET A 61 8.36 7.89 -0.35
N ASP A 62 8.45 6.56 -0.15
CA ASP A 62 9.49 6.00 0.70
C ASP A 62 10.88 6.42 0.26
N ASN A 63 11.04 6.73 -1.03
CA ASN A 63 12.32 7.16 -1.58
C ASN A 63 12.43 8.68 -1.69
N GLN A 64 11.54 9.41 -1.00
CA GLN A 64 11.54 10.86 -0.78
C GLN A 64 10.99 11.63 -1.97
N PHE A 65 10.46 10.97 -3.00
CA PHE A 65 9.63 11.66 -3.99
C PHE A 65 8.43 12.30 -3.27
N ASN A 66 8.16 13.57 -3.55
CA ASN A 66 6.96 14.17 -2.98
C ASN A 66 6.20 15.07 -3.96
N VAL A 67 6.49 15.00 -5.25
CA VAL A 67 5.70 15.67 -6.28
C VAL A 67 5.31 14.63 -7.31
N PHE A 68 4.02 14.51 -7.59
CA PHE A 68 3.57 13.50 -8.53
C PHE A 68 2.73 14.14 -9.61
N ARG A 69 3.22 14.05 -10.84
CA ARG A 69 2.50 14.61 -11.99
C ARG A 69 1.68 13.50 -12.62
N ILE A 70 0.42 13.81 -12.90
CA ILE A 70 -0.53 12.85 -13.45
C ILE A 70 -0.88 13.34 -14.85
N PRO A 71 -0.06 13.04 -15.85
CA PRO A 71 -0.39 13.48 -17.21
C PRO A 71 -1.66 12.78 -17.67
N THR A 72 -2.63 13.57 -18.13
CA THR A 72 -3.96 13.04 -18.42
C THR A 72 -4.40 13.52 -19.79
N THR A 73 -4.67 12.58 -20.69
CA THR A 73 -5.24 12.90 -21.99
C THR A 73 -6.74 12.76 -21.89
N TRP A 74 -7.46 13.87 -22.07
CA TRP A 74 -8.90 13.83 -21.99
C TRP A 74 -9.56 13.51 -23.32
N THR A 75 -8.82 13.65 -24.42
CA THR A 75 -9.30 13.25 -25.75
C THR A 75 -9.78 11.81 -25.74
N GLY A 76 -10.94 11.59 -26.35
CA GLY A 76 -11.60 10.31 -26.32
C GLY A 76 -12.60 10.14 -25.20
N HIS A 77 -12.46 10.91 -24.12
CA HIS A 77 -13.38 10.88 -22.98
C HIS A 77 -14.30 12.10 -22.96
N ILE A 78 -14.40 12.83 -24.06
CA ILE A 78 -15.05 14.14 -24.10
C ILE A 78 -16.26 14.05 -25.01
N GLY A 79 -17.40 14.55 -24.53
CA GLY A 79 -18.61 14.58 -25.33
C GLY A 79 -18.54 15.61 -26.45
N GLU A 80 -19.64 15.68 -27.19
CA GLU A 80 -19.67 16.49 -28.41
C GLU A 80 -19.61 17.98 -28.08
N ALA A 81 -19.09 18.75 -29.04
CA ALA A 81 -19.12 20.20 -28.95
C ALA A 81 -20.56 20.70 -28.92
N PRO A 82 -20.82 21.87 -28.32
CA PRO A 82 -19.88 22.76 -27.61
C PRO A 82 -19.83 22.53 -26.10
N GLU A 83 -20.60 21.58 -25.57
CA GLU A 83 -20.57 21.35 -24.12
C GLU A 83 -19.31 20.61 -23.69
N TYR A 84 -18.81 19.70 -24.52
CA TYR A 84 -17.58 18.97 -24.24
C TYR A 84 -17.63 18.29 -22.88
N LYS A 85 -18.74 17.60 -22.62
CA LYS A 85 -18.94 16.92 -21.34
C LYS A 85 -17.96 15.77 -21.17
N ILE A 86 -17.24 15.78 -20.05
CA ILE A 86 -16.28 14.72 -19.74
C ILE A 86 -17.04 13.53 -19.16
N ASN A 87 -16.74 12.33 -19.69
CA ASN A 87 -17.33 11.11 -19.17
C ASN A 87 -17.10 11.00 -17.67
N GLU A 88 -18.17 10.69 -16.93
CA GLU A 88 -18.09 10.76 -15.48
C GLU A 88 -17.34 9.58 -14.87
N GLN A 89 -17.32 8.43 -15.56
CA GLN A 89 -16.49 7.33 -15.07
C GLN A 89 -15.01 7.66 -15.25
N TRP A 90 -14.66 8.34 -16.35
CA TRP A 90 -13.28 8.78 -16.52
C TRP A 90 -12.88 9.77 -15.44
N MET A 91 -13.73 10.79 -15.20
CA MET A 91 -13.41 11.76 -14.15
C MET A 91 -13.24 11.08 -12.80
N LYS A 92 -14.05 10.08 -12.50
CA LYS A 92 -13.93 9.39 -11.23
C LYS A 92 -12.60 8.65 -11.13
N ARG A 93 -12.15 8.01 -12.23
CA ARG A 93 -10.88 7.30 -12.18
C ARG A 93 -9.71 8.26 -12.07
N VAL A 94 -9.76 9.38 -12.79
CA VAL A 94 -8.73 10.41 -12.61
C VAL A 94 -8.70 10.86 -11.16
N HIS A 95 -9.88 11.05 -10.57
CA HIS A 95 -9.97 11.48 -9.17
C HIS A 95 -9.39 10.44 -8.23
N GLU A 96 -9.69 9.16 -8.45
CA GLU A 96 -9.10 8.11 -7.62
C GLU A 96 -7.57 8.17 -7.67
N ILE A 97 -7.02 8.44 -8.85
CA ILE A 97 -5.57 8.39 -9.00
C ILE A 97 -4.92 9.63 -8.39
N VAL A 98 -5.50 10.82 -8.60
CA VAL A 98 -5.03 12.02 -7.89
C VAL A 98 -4.96 11.76 -6.40
N ASP A 99 -5.95 11.04 -5.86
CA ASP A 99 -6.02 10.83 -4.41
C ASP A 99 -4.93 9.91 -3.88
N TYR A 100 -4.36 9.05 -4.72
CA TYR A 100 -3.30 8.16 -4.22
C TYR A 100 -2.13 8.95 -3.64
N PRO A 101 -1.51 9.91 -4.36
CA PRO A 101 -0.49 10.74 -3.70
C PRO A 101 -1.08 11.81 -2.79
N TYR A 102 -2.23 12.39 -3.16
CA TYR A 102 -2.71 13.56 -2.44
C TYR A 102 -3.10 13.20 -1.01
N LYS A 103 -3.81 12.10 -0.83
CA LYS A 103 -4.22 11.71 0.51
C LYS A 103 -3.06 11.18 1.34
N ASN A 104 -1.91 10.94 0.74
CA ASN A 104 -0.70 10.63 1.48
C ASN A 104 0.17 11.85 1.71
N GLY A 105 -0.33 13.04 1.41
CA GLY A 105 0.32 14.27 1.78
C GLY A 105 1.27 14.87 0.76
N ALA A 106 1.34 14.31 -0.45
CA ALA A 106 2.28 14.77 -1.45
C ALA A 106 1.66 15.85 -2.35
N PHE A 107 2.53 16.51 -3.12
CA PHE A 107 2.09 17.41 -4.17
C PHE A 107 1.63 16.61 -5.38
N VAL A 108 0.59 17.12 -6.06
CA VAL A 108 0.05 16.48 -7.26
C VAL A 108 -0.13 17.53 -8.34
N ILE A 109 0.35 17.24 -9.55
CA ILE A 109 0.11 18.07 -10.71
C ILE A 109 -0.83 17.34 -11.65
N LEU A 110 -1.98 17.93 -11.93
CA LEU A 110 -2.95 17.39 -12.87
C LEU A 110 -2.98 18.26 -14.11
N ASN A 111 -2.88 17.65 -15.28
CA ASN A 111 -2.85 18.49 -16.48
C ASN A 111 -3.84 18.06 -17.55
N ILE A 112 -3.68 18.68 -18.71
CA ILE A 112 -4.19 18.22 -19.99
C ILE A 112 -2.97 17.82 -20.82
N HIS A 113 -3.05 16.69 -21.54
CA HIS A 113 -1.83 16.14 -22.15
C HIS A 113 -1.91 15.96 -23.67
N HIS A 114 -2.03 14.72 -24.16
CA HIS A 114 -1.91 14.43 -25.59
C HIS A 114 -3.21 14.77 -26.34
N GLU A 115 -3.64 16.02 -26.22
CA GLU A 115 -4.92 16.42 -26.80
C GLU A 115 -4.79 16.68 -28.29
N THR A 116 -5.80 16.23 -29.04
CA THR A 116 -5.84 16.49 -30.47
C THR A 116 -6.40 17.86 -30.82
N TRP A 117 -6.96 18.59 -29.84
CA TRP A 117 -7.78 19.77 -30.11
C TRP A 117 -7.15 21.09 -29.69
N ASN A 118 -5.99 21.08 -29.03
CA ASN A 118 -5.36 22.32 -28.59
C ASN A 118 -4.05 22.59 -29.32
N HIS A 119 -3.92 22.11 -30.56
CA HIS A 119 -2.72 22.38 -31.33
C HIS A 119 -2.59 23.88 -31.61
N ALA A 120 -1.36 24.35 -31.72
CA ALA A 120 -1.08 25.79 -31.69
C ALA A 120 -1.26 26.46 -33.04
N PHE A 121 -2.41 26.25 -33.69
CA PHE A 121 -2.68 26.84 -35.00
C PHE A 121 -3.80 27.87 -34.87
N ALA A 122 -3.62 29.03 -35.52
CA ALA A 122 -4.66 30.04 -35.50
C ALA A 122 -5.94 29.58 -36.19
N GLU A 123 -5.84 28.61 -37.09
CA GLU A 123 -7.01 28.13 -37.82
C GLU A 123 -8.12 27.68 -36.88
N THR A 124 -7.76 27.00 -35.79
CA THR A 124 -8.75 26.37 -34.92
C THR A 124 -8.82 27.00 -33.55
N VAL A 125 -8.19 28.16 -33.34
CA VAL A 125 -7.99 28.65 -31.99
C VAL A 125 -9.32 29.06 -31.34
N ASP A 126 -10.26 29.61 -32.12
CA ASP A 126 -11.54 29.98 -31.54
C ASP A 126 -12.23 28.76 -30.96
N GLU A 127 -12.25 27.66 -31.70
CA GLU A 127 -12.87 26.44 -31.21
C GLU A 127 -12.07 25.82 -30.08
N ALA A 128 -10.74 25.87 -30.17
CA ALA A 128 -9.89 25.26 -29.14
C ALA A 128 -10.01 26.00 -27.81
N LYS A 129 -10.19 27.32 -27.85
CA LYS A 129 -10.36 28.08 -26.61
C LYS A 129 -11.65 27.70 -25.90
N VAL A 130 -12.72 27.43 -26.66
CA VAL A 130 -13.97 27.01 -26.05
C VAL A 130 -13.83 25.64 -25.39
N GLU A 131 -13.23 24.69 -26.10
CA GLU A 131 -13.04 23.37 -25.52
C GLU A 131 -12.15 23.43 -24.29
N LEU A 132 -11.10 24.25 -24.33
CA LEU A 132 -10.22 24.37 -23.16
C LEU A 132 -10.98 24.89 -21.96
N ALA A 133 -11.81 25.92 -22.15
CA ALA A 133 -12.59 26.46 -21.04
C ALA A 133 -13.60 25.44 -20.51
N GLN A 134 -14.28 24.72 -21.41
CA GLN A 134 -15.24 23.70 -20.99
C GLN A 134 -14.55 22.58 -20.21
N VAL A 135 -13.40 22.11 -20.69
CA VAL A 135 -12.70 21.03 -20.02
C VAL A 135 -12.24 21.49 -18.64
N TRP A 136 -11.64 22.69 -18.57
CA TRP A 136 -11.11 23.13 -17.29
C TRP A 136 -12.20 23.57 -16.33
N LYS A 137 -13.34 24.04 -16.84
CA LYS A 137 -14.48 24.28 -15.94
C LYS A 137 -14.85 23.02 -15.18
N GLN A 138 -14.84 21.87 -15.87
CA GLN A 138 -15.24 20.62 -15.24
C GLN A 138 -14.17 20.08 -14.30
N ILE A 139 -12.90 20.16 -14.70
CA ILE A 139 -11.82 19.70 -13.81
C ILE A 139 -11.79 20.56 -12.55
N ALA A 140 -11.88 21.89 -12.72
CA ALA A 140 -11.86 22.78 -11.57
C ALA A 140 -13.02 22.51 -10.63
N GLU A 141 -14.21 22.23 -11.18
CA GLU A 141 -15.36 21.93 -10.34
C GLU A 141 -15.17 20.62 -9.57
N GLU A 142 -14.64 19.60 -10.25
CA GLU A 142 -14.47 18.29 -9.61
C GLU A 142 -13.52 18.36 -8.41
N PHE A 143 -12.46 19.17 -8.52
CA PHE A 143 -11.44 19.25 -7.48
C PHE A 143 -11.46 20.58 -6.73
N LYS A 144 -12.58 21.32 -6.76
CA LYS A 144 -12.58 22.66 -6.19
C LYS A 144 -12.21 22.67 -4.72
N GLY A 145 -12.52 21.61 -3.99
CA GLY A 145 -12.27 21.60 -2.56
C GLY A 145 -10.87 21.20 -2.14
N TYR A 146 -9.99 20.87 -3.09
CA TYR A 146 -8.64 20.45 -2.74
C TYR A 146 -7.77 21.65 -2.36
N GLY A 147 -6.76 21.37 -1.54
CA GLY A 147 -5.86 22.39 -1.05
C GLY A 147 -4.72 22.70 -2.00
N GLU A 148 -3.72 23.41 -1.48
CA GLU A 148 -2.64 23.95 -2.29
C GLU A 148 -1.71 22.86 -2.85
N ARG A 149 -1.78 21.64 -2.32
CA ARG A 149 -0.90 20.61 -2.86
C ARG A 149 -1.40 20.04 -4.18
N LEU A 150 -2.63 20.36 -4.61
CA LEU A 150 -3.11 19.99 -5.93
C LEU A 150 -2.92 21.18 -6.86
N ILE A 151 -2.04 21.00 -7.85
CA ILE A 151 -1.68 22.01 -8.82
C ILE A 151 -2.31 21.64 -10.15
N PHE A 152 -2.89 22.62 -10.85
CA PHE A 152 -3.40 22.45 -12.20
C PHE A 152 -2.37 22.94 -13.22
N GLU A 153 -2.10 22.13 -14.23
CA GLU A 153 -1.21 22.50 -15.33
C GLU A 153 -2.04 22.58 -16.60
N GLY A 154 -2.15 23.79 -17.15
CA GLY A 154 -3.24 24.08 -18.08
C GLY A 154 -3.10 23.41 -19.43
N GLN A 155 -1.87 23.28 -19.91
CA GLN A 155 -1.58 22.55 -21.13
C GLN A 155 -0.25 21.84 -20.95
N ASN A 156 0.03 20.88 -21.83
CA ASN A 156 1.26 20.12 -21.68
C ASN A 156 2.37 20.69 -22.55
N ALA A 157 2.34 20.39 -23.85
CA ALA A 157 3.32 20.89 -24.79
C ALA A 157 2.61 21.37 -26.05
N PRO A 158 1.72 22.36 -25.92
CA PRO A 158 0.98 22.84 -27.09
C PRO A 158 1.94 23.36 -28.15
N ARG A 159 1.72 22.93 -29.39
CA ARG A 159 2.70 23.14 -30.43
C ARG A 159 2.02 22.97 -31.78
N LYS A 160 2.78 23.23 -32.85
CA LYS A 160 2.31 23.03 -34.22
C LYS A 160 2.71 21.61 -34.65
N ASN A 161 1.91 20.64 -34.22
CA ASN A 161 2.17 19.24 -34.51
C ASN A 161 2.35 19.02 -36.01
N GLY A 162 3.36 18.22 -36.37
CA GLY A 162 3.58 17.87 -37.75
C GLY A 162 4.07 18.99 -38.66
N THR A 163 4.75 19.98 -38.11
CA THR A 163 5.34 21.07 -38.87
C THR A 163 6.84 21.10 -38.64
N PRO A 164 7.61 21.78 -39.50
CA PRO A 164 9.05 21.93 -39.21
C PRO A 164 9.35 22.70 -37.94
N VAL A 165 8.40 23.45 -37.39
CA VAL A 165 8.63 24.22 -36.17
C VAL A 165 8.01 23.54 -34.95
N GLU A 166 7.65 22.27 -35.05
CA GLU A 166 7.08 21.58 -33.89
C GLU A 166 8.07 21.49 -32.74
N TRP A 167 9.35 21.24 -33.04
CA TRP A 167 10.32 20.86 -32.02
C TRP A 167 11.55 21.76 -31.99
N ASN A 168 11.48 22.96 -32.56
CA ASN A 168 12.61 23.88 -32.55
C ASN A 168 12.24 25.23 -31.92
N GLY A 169 11.17 25.29 -31.14
CA GLY A 169 10.77 26.50 -30.45
C GLY A 169 9.54 27.20 -31.01
N GLY A 170 9.10 26.85 -32.21
CA GLY A 170 7.88 27.42 -32.76
C GLY A 170 8.10 28.67 -33.58
N ASP A 171 7.00 29.34 -33.89
CA ASP A 171 7.00 30.58 -34.65
C ASP A 171 5.94 31.51 -34.05
N LYS A 172 5.78 32.70 -34.64
CA LYS A 172 4.92 33.69 -34.01
C LYS A 172 3.47 33.22 -33.94
N GLU A 173 2.99 32.53 -34.99
CA GLU A 173 1.63 31.98 -34.95
C GLU A 173 1.46 31.07 -33.73
N GLY A 174 2.43 30.17 -33.52
CA GLY A 174 2.32 29.25 -32.39
C GLY A 174 2.43 29.94 -31.04
N TRP A 175 3.31 30.94 -30.92
CA TRP A 175 3.47 31.62 -29.65
C TRP A 175 2.20 32.36 -29.26
N ASP A 176 1.57 33.05 -30.21
CA ASP A 176 0.36 33.81 -29.90
C ASP A 176 -0.78 32.88 -29.50
N VAL A 177 -0.91 31.72 -30.15
CA VAL A 177 -1.97 30.78 -29.79
C VAL A 177 -1.73 30.21 -28.40
N VAL A 178 -0.50 29.76 -28.12
CA VAL A 178 -0.22 29.18 -26.80
C VAL A 178 -0.49 30.20 -25.70
N ASN A 179 -0.10 31.46 -25.93
CA ASN A 179 -0.36 32.50 -24.94
C ASN A 179 -1.85 32.73 -24.75
N ALA A 180 -2.62 32.74 -25.84
CA ALA A 180 -4.05 32.98 -25.73
C ALA A 180 -4.72 31.84 -24.99
N MET A 181 -4.32 30.61 -25.29
CA MET A 181 -4.87 29.45 -24.59
C MET A 181 -4.50 29.45 -23.12
N ASN A 182 -3.23 29.75 -22.80
CA ASN A 182 -2.85 29.83 -21.39
C ASN A 182 -3.72 30.83 -20.64
N ALA A 183 -4.05 31.95 -21.28
CA ALA A 183 -4.85 32.96 -20.62
C ALA A 183 -6.26 32.47 -20.33
N VAL A 184 -6.84 31.71 -21.29
CA VAL A 184 -8.16 31.13 -21.08
C VAL A 184 -8.13 30.16 -19.89
N PHE A 185 -7.09 29.32 -19.81
CA PHE A 185 -6.95 28.40 -18.69
C PHE A 185 -6.90 29.14 -17.36
N LEU A 186 -6.01 30.13 -17.24
CA LEU A 186 -5.88 30.87 -16.00
C LEU A 186 -7.21 31.52 -15.61
N GLU A 187 -7.85 32.20 -16.56
CA GLU A 187 -9.10 32.88 -16.28
C GLU A 187 -10.19 31.88 -15.88
N THR A 188 -10.28 30.75 -16.59
CA THR A 188 -11.33 29.77 -16.30
C THR A 188 -11.20 29.23 -14.88
N VAL A 189 -9.98 28.89 -14.45
CA VAL A 189 -9.81 28.34 -13.10
C VAL A 189 -9.96 29.42 -12.05
N ARG A 190 -9.39 30.60 -12.29
CA ARG A 190 -9.48 31.67 -11.30
C ARG A 190 -10.93 32.09 -11.07
N SER A 191 -11.74 32.06 -12.11
CA SER A 191 -13.15 32.48 -12.03
C SER A 191 -14.06 31.42 -11.44
N SER A 192 -13.55 30.25 -11.09
CA SER A 192 -14.41 29.14 -10.67
C SER A 192 -14.57 29.16 -9.15
N GLY A 193 -15.16 28.10 -8.62
CA GLY A 193 -15.58 28.09 -7.23
C GLY A 193 -14.47 27.73 -6.27
N GLY A 194 -14.89 27.32 -5.07
CA GLY A 194 -14.03 26.80 -4.02
C GLY A 194 -12.70 27.49 -3.81
N ASN A 195 -11.66 26.67 -3.68
CA ASN A 195 -10.30 27.13 -3.44
C ASN A 195 -9.57 27.53 -4.73
N ASN A 196 -10.24 27.45 -5.88
CA ASN A 196 -9.53 27.59 -7.15
C ASN A 196 -8.98 29.00 -7.36
N ALA A 197 -9.52 30.00 -6.68
CA ALA A 197 -8.94 31.35 -6.78
C ALA A 197 -7.53 31.39 -6.19
N LYS A 198 -7.23 30.48 -5.27
CA LYS A 198 -5.92 30.41 -4.64
C LYS A 198 -5.13 29.17 -5.06
N ARG A 199 -5.57 28.45 -6.09
CA ARG A 199 -4.85 27.27 -6.53
C ARG A 199 -3.63 27.69 -7.34
N HIS A 200 -2.56 26.91 -7.21
CA HIS A 200 -1.36 27.18 -7.98
C HIS A 200 -1.51 26.57 -9.36
N LEU A 201 -1.21 27.36 -10.39
CA LEU A 201 -1.48 27.00 -11.78
C LEU A 201 -0.19 27.06 -12.59
N MET A 202 0.07 26.01 -13.37
CA MET A 202 1.24 25.93 -14.24
C MET A 202 0.83 26.19 -15.68
N ILE A 203 1.63 27.00 -16.38
CA ILE A 203 1.42 27.21 -17.83
C ILE A 203 2.74 27.00 -18.55
N PRO A 204 2.72 26.41 -19.73
CA PRO A 204 3.96 26.16 -20.45
C PRO A 204 4.19 27.20 -21.53
N PRO A 205 5.45 27.48 -21.88
CA PRO A 205 5.70 28.10 -23.18
C PRO A 205 5.45 27.10 -24.29
N TYR A 206 5.52 27.58 -25.53
CA TYR A 206 5.30 26.74 -26.69
C TYR A 206 6.07 25.42 -26.56
N ALA A 207 5.35 24.31 -26.69
CA ALA A 207 5.89 22.95 -26.61
C ALA A 207 6.55 22.64 -25.26
N ALA A 208 6.34 23.49 -24.26
CA ALA A 208 7.06 23.42 -22.98
C ALA A 208 8.57 23.37 -23.23
N ALA A 209 9.01 23.98 -24.33
CA ALA A 209 10.38 23.83 -24.79
C ALA A 209 11.33 24.70 -23.98
N CYS A 210 12.46 24.13 -23.59
CA CYS A 210 13.56 24.88 -23.00
C CYS A 210 14.37 25.46 -24.16
N ASN A 211 13.87 26.58 -24.69
CA ASN A 211 14.31 27.11 -25.97
C ASN A 211 14.28 28.63 -25.92
N GLU A 212 15.26 29.26 -26.55
CA GLU A 212 15.35 30.72 -26.51
C GLU A 212 14.10 31.37 -27.09
N ASN A 213 13.65 30.88 -28.26
CA ASN A 213 12.49 31.46 -28.93
C ASN A 213 11.22 31.26 -28.11
N SER A 214 11.00 30.05 -27.61
CA SER A 214 9.82 29.78 -26.79
CA SER A 214 9.81 29.78 -26.79
C SER A 214 9.82 30.65 -25.54
N PHE A 215 10.97 30.70 -24.84
CA PHE A 215 11.08 31.50 -23.63
C PHE A 215 10.83 32.98 -23.90
N LYS A 216 11.37 33.50 -25.00
CA LYS A 216 11.31 34.95 -25.23
C LYS A 216 9.90 35.43 -25.58
N ASN A 217 9.07 34.56 -26.16
CA ASN A 217 7.72 34.93 -26.58
C ASN A 217 6.64 34.35 -25.69
N PHE A 218 7.01 33.96 -24.47
CA PHE A 218 6.08 33.39 -23.49
C PHE A 218 5.55 34.52 -22.61
N ASP A 219 4.24 34.79 -22.70
CA ASP A 219 3.59 35.74 -21.79
C ASP A 219 3.42 35.12 -20.41
N PHE A 220 3.76 35.87 -19.37
CA PHE A 220 3.58 35.40 -18.00
C PHE A 220 2.90 36.51 -17.19
N PRO A 221 1.89 36.18 -16.39
CA PRO A 221 1.16 37.24 -15.68
C PRO A 221 2.02 37.93 -14.63
N GLU A 222 1.89 39.25 -14.54
CA GLU A 222 2.66 40.03 -13.60
C GLU A 222 1.97 40.24 -12.26
N ASP A 223 0.67 39.93 -12.15
CA ASP A 223 -0.12 40.26 -10.95
C ASP A 223 -0.72 39.02 -10.31
N ASP A 224 -0.08 37.87 -10.47
CA ASP A 224 -0.61 36.62 -9.91
C ASP A 224 0.59 35.83 -9.42
N ASP A 225 0.85 35.84 -8.12
CA ASP A 225 2.01 35.16 -7.57
C ASP A 225 1.76 33.68 -7.33
N LYS A 226 0.64 33.12 -7.81
CA LYS A 226 0.37 31.68 -7.72
C LYS A 226 0.32 31.04 -9.11
N VAL A 227 1.12 31.55 -10.04
CA VAL A 227 1.26 30.97 -11.37
C VAL A 227 2.71 30.55 -11.57
N ILE A 228 2.90 29.42 -12.23
CA ILE A 228 4.19 28.73 -12.33
C ILE A 228 4.45 28.43 -13.80
N ALA A 229 5.68 28.67 -14.25
CA ALA A 229 6.06 28.26 -15.59
C ALA A 229 6.38 26.77 -15.62
N SER A 230 5.86 26.07 -16.62
CA SER A 230 6.08 24.63 -16.81
C SER A 230 7.05 24.42 -17.95
N VAL A 231 8.20 23.82 -17.66
CA VAL A 231 9.23 23.59 -18.68
C VAL A 231 9.58 22.11 -18.68
N HIS A 232 9.91 21.59 -19.86
CA HIS A 232 10.42 20.22 -20.01
C HIS A 232 11.83 20.32 -20.58
N ALA A 233 12.75 19.48 -20.07
CA ALA A 233 14.15 19.68 -20.47
C ALA A 233 14.91 18.35 -20.36
N TYR A 234 14.75 17.53 -21.40
CA TYR A 234 15.45 16.27 -21.53
C TYR A 234 16.81 16.55 -22.16
N SER A 235 17.73 17.03 -21.31
CA SER A 235 18.98 17.61 -21.78
C SER A 235 20.17 16.93 -21.12
N PRO A 236 21.23 16.63 -21.89
CA PRO A 236 21.44 16.92 -23.32
C PRO A 236 20.71 15.93 -24.22
N TYR A 237 20.37 16.33 -25.44
CA TYR A 237 19.37 15.60 -26.22
C TYR A 237 19.84 14.20 -26.60
N ASN A 238 21.03 14.09 -27.21
CA ASN A 238 21.47 12.79 -27.72
C ASN A 238 21.62 11.77 -26.61
N PHE A 239 22.07 12.20 -25.43
CA PHE A 239 22.21 11.29 -24.29
C PHE A 239 20.85 10.93 -23.70
N ALA A 240 19.95 11.91 -23.56
CA ALA A 240 18.77 11.72 -22.73
C ALA A 240 17.55 11.22 -23.50
N LEU A 241 17.30 11.79 -24.68
CA LEU A 241 16.00 11.65 -25.32
C LEU A 241 16.06 11.05 -26.73
N ASN A 242 17.14 11.27 -27.48
CA ASN A 242 17.27 10.72 -28.82
C ASN A 242 17.00 9.22 -28.82
N ASN A 243 15.97 8.80 -29.55
CA ASN A 243 15.63 7.39 -29.68
C ASN A 243 15.94 6.87 -31.08
N GLY A 244 16.74 7.60 -31.85
CA GLY A 244 17.11 7.16 -33.18
C GLY A 244 18.60 7.29 -33.43
N GLU A 245 18.96 7.89 -34.56
CA GLU A 245 20.36 8.03 -34.92
C GLU A 245 20.99 9.19 -34.17
N GLY A 246 22.22 8.97 -33.70
CA GLY A 246 22.95 9.98 -32.97
C GLY A 246 22.86 9.87 -31.47
N ALA A 247 22.09 8.92 -30.95
CA ALA A 247 22.02 8.71 -29.51
C ALA A 247 23.39 8.31 -28.98
N VAL A 248 23.70 8.75 -27.77
CA VAL A 248 24.94 8.41 -27.10
C VAL A 248 24.60 7.87 -25.71
N ASP A 249 25.46 6.99 -25.19
CA ASP A 249 25.20 6.38 -23.89
C ASP A 249 26.12 6.91 -22.81
N LYS A 250 26.95 7.90 -23.13
CA LYS A 250 27.83 8.55 -22.16
C LYS A 250 27.49 10.03 -22.06
N PHE A 251 27.51 10.54 -20.83
CA PHE A 251 27.34 11.97 -20.56
C PHE A 251 28.73 12.59 -20.64
N ASP A 252 29.06 13.17 -21.80
CA ASP A 252 30.42 13.63 -22.05
C ASP A 252 30.51 15.15 -21.96
N ALA A 253 31.68 15.69 -22.31
CA ALA A 253 31.94 17.12 -22.11
C ALA A 253 30.98 17.98 -22.94
N SER A 254 30.74 17.59 -24.20
CA SER A 254 29.80 18.35 -25.02
C SER A 254 28.38 18.23 -24.48
N GLY A 255 28.02 17.08 -23.92
CA GLY A 255 26.71 16.94 -23.31
C GLY A 255 26.55 17.83 -22.09
N LYS A 256 27.60 17.93 -21.28
CA LYS A 256 27.58 18.83 -20.13
C LYS A 256 27.46 20.28 -20.57
N ASN A 257 28.17 20.65 -21.64
CA ASN A 257 28.06 22.01 -22.16
C ASN A 257 26.63 22.32 -22.58
N GLU A 258 25.99 21.38 -23.27
CA GLU A 258 24.63 21.59 -23.74
C GLU A 258 23.67 21.69 -22.57
N LEU A 259 23.79 20.78 -21.60
CA LEU A 259 22.96 20.87 -20.40
C LEU A 259 23.18 22.18 -19.67
N ASP A 260 24.44 22.57 -19.46
CA ASP A 260 24.73 23.82 -18.77
C ASP A 260 24.09 25.01 -19.48
N TRP A 261 24.13 25.01 -20.81
CA TRP A 261 23.52 26.10 -21.56
C TRP A 261 22.03 26.21 -21.27
N ASN A 262 21.33 25.07 -21.26
CA ASN A 262 19.88 25.11 -21.07
C ASN A 262 19.53 25.47 -19.63
N ILE A 263 20.31 24.98 -18.65
CA ILE A 263 20.08 25.40 -17.28
C ILE A 263 20.25 26.91 -17.14
N ASN A 264 21.25 27.47 -17.83
CA ASN A 264 21.42 28.92 -17.80
C ASN A 264 20.26 29.64 -18.45
N LEU A 265 19.68 29.04 -19.51
CA LEU A 265 18.48 29.63 -20.10
C LEU A 265 17.37 29.73 -19.07
N MET A 266 17.15 28.67 -18.30
CA MET A 266 16.12 28.70 -17.26
C MET A 266 16.44 29.75 -16.21
N LYS A 267 17.72 29.89 -15.86
CA LYS A 267 18.12 30.91 -14.89
C LYS A 267 17.77 32.31 -15.39
N LYS A 268 18.11 32.59 -16.64
CA LYS A 268 17.92 33.95 -17.13
C LYS A 268 16.46 34.25 -17.42
N ARG A 269 15.71 33.27 -17.92
CA ARG A 269 14.32 33.55 -18.29
C ARG A 269 13.39 33.58 -17.07
N PHE A 270 13.63 32.71 -16.10
CA PHE A 270 12.68 32.54 -15.00
C PHE A 270 13.28 32.90 -13.65
N VAL A 271 14.40 32.28 -13.26
CA VAL A 271 14.89 32.43 -11.89
C VAL A 271 15.29 33.88 -11.60
N ASP A 272 16.13 34.46 -12.47
CA ASP A 272 16.54 35.85 -12.25
C ASP A 272 15.37 36.81 -12.32
N GLN A 273 14.28 36.44 -13.00
CA GLN A 273 13.16 37.36 -13.17
C GLN A 273 12.08 37.15 -12.12
N GLY A 274 12.32 36.29 -11.12
CA GLY A 274 11.32 36.11 -10.09
C GLY A 274 10.11 35.33 -10.54
N ILE A 275 10.23 34.57 -11.62
CA ILE A 275 9.13 33.77 -12.16
C ILE A 275 9.28 32.35 -11.63
N PRO A 276 8.32 31.85 -10.85
CA PRO A 276 8.39 30.46 -10.38
C PRO A 276 8.33 29.50 -11.57
N MET A 277 9.12 28.43 -11.50
CA MET A 277 9.17 27.46 -12.58
CA MET A 277 9.18 27.47 -12.58
C MET A 277 9.43 26.08 -12.01
N ILE A 278 8.85 25.07 -12.67
CA ILE A 278 9.05 23.67 -12.32
C ILE A 278 9.41 22.93 -13.60
N LEU A 279 10.45 22.09 -13.52
CA LEU A 279 10.77 21.18 -14.62
C LEU A 279 9.85 19.98 -14.49
N GLY A 280 8.69 20.06 -15.15
CA GLY A 280 7.65 19.06 -15.00
C GLY A 280 7.96 17.74 -15.67
N GLU A 281 8.90 17.72 -16.63
CA GLU A 281 9.34 16.50 -17.27
C GLU A 281 10.82 16.60 -17.57
N TYR A 282 11.54 15.52 -17.29
CA TYR A 282 12.91 15.33 -17.75
C TYR A 282 13.26 13.88 -17.51
N GLY A 283 14.37 13.45 -18.09
CA GLY A 283 14.81 12.08 -17.92
C GLY A 283 15.85 11.74 -18.95
N ALA A 284 16.48 10.58 -18.74
CA ALA A 284 17.42 10.02 -19.71
C ALA A 284 17.11 8.55 -19.84
N MET A 285 17.00 8.06 -21.07
CA MET A 285 16.45 6.72 -21.25
C MET A 285 17.53 5.65 -21.08
N ASN A 286 17.05 4.44 -20.82
CA ASN A 286 17.92 3.31 -20.54
C ASN A 286 18.72 2.93 -21.78
N ARG A 287 20.03 3.07 -21.70
CA ARG A 287 20.94 2.59 -22.74
C ARG A 287 21.96 1.65 -22.14
N ASP A 288 21.53 0.80 -21.20
CA ASP A 288 22.43 -0.09 -20.46
C ASP A 288 23.59 0.70 -19.88
N ASN A 289 23.27 1.81 -19.23
CA ASN A 289 24.26 2.80 -18.82
C ASN A 289 23.83 3.46 -17.51
N GLU A 290 23.50 2.65 -16.50
CA GLU A 290 22.91 3.22 -15.28
C GLU A 290 23.86 4.19 -14.60
N GLU A 291 25.16 3.90 -14.61
CA GLU A 291 26.07 4.81 -13.91
C GLU A 291 26.30 6.11 -14.67
N GLU A 292 26.32 6.07 -16.00
CA GLU A 292 26.34 7.32 -16.75
C GLU A 292 25.12 8.16 -16.41
N ARG A 293 23.95 7.52 -16.36
CA ARG A 293 22.72 8.25 -16.06
C ARG A 293 22.67 8.73 -14.63
N ALA A 294 23.19 7.94 -13.70
CA ALA A 294 23.24 8.38 -12.30
C ALA A 294 24.12 9.61 -12.15
N ALA A 295 25.28 9.63 -12.81
CA ALA A 295 26.16 10.80 -12.69
C ALA A 295 25.51 12.03 -13.32
N TRP A 296 24.87 11.84 -14.47
CA TRP A 296 24.14 12.92 -15.11
C TRP A 296 23.02 13.42 -14.22
N ALA A 297 22.27 12.50 -13.61
CA ALA A 297 21.11 12.89 -12.80
C ALA A 297 21.55 13.63 -11.55
N GLU A 298 22.68 13.23 -10.94
CA GLU A 298 23.12 13.93 -9.74
C GLU A 298 23.61 15.33 -10.08
N TYR A 299 24.31 15.47 -11.22
CA TYR A 299 24.81 16.77 -11.65
C TYR A 299 23.65 17.71 -12.00
N TYR A 300 22.71 17.23 -12.81
CA TYR A 300 21.52 18.00 -13.15
C TYR A 300 20.80 18.43 -11.88
N MET A 301 20.56 17.49 -10.96
CA MET A 301 19.81 17.82 -9.75
C MET A 301 20.54 18.85 -8.90
N GLU A 302 21.85 18.67 -8.71
CA GLU A 302 22.61 19.63 -7.90
C GLU A 302 22.52 21.04 -8.49
N LYS A 303 22.67 21.16 -9.81
CA LYS A 303 22.69 22.48 -10.44
C LYS A 303 21.35 23.19 -10.32
N ILE A 304 20.25 22.49 -10.60
CA ILE A 304 18.98 23.20 -10.52
C ILE A 304 18.54 23.40 -9.08
N THR A 305 18.96 22.52 -8.17
CA THR A 305 18.70 22.76 -6.75
C THR A 305 19.37 24.05 -6.29
N ALA A 306 20.54 24.38 -6.85
CA ALA A 306 21.17 25.65 -6.49
C ALA A 306 20.39 26.85 -7.02
N LEU A 307 19.49 26.65 -7.98
CA LEU A 307 18.60 27.71 -8.45
C LEU A 307 17.23 27.65 -7.80
N GLY A 308 16.98 26.68 -6.92
CA GLY A 308 15.68 26.55 -6.31
C GLY A 308 14.60 25.94 -7.18
N VAL A 309 14.98 25.29 -8.28
CA VAL A 309 14.02 24.76 -9.25
C VAL A 309 13.91 23.25 -9.04
N PRO A 310 12.71 22.71 -8.79
CA PRO A 310 12.54 21.26 -8.70
C PRO A 310 12.30 20.62 -10.06
N GLN A 311 12.59 19.31 -10.14
CA GLN A 311 12.39 18.58 -11.38
C GLN A 311 11.64 17.27 -11.10
N VAL A 312 10.96 16.79 -12.15
CA VAL A 312 10.00 15.69 -12.05
C VAL A 312 10.37 14.67 -13.12
N TRP A 313 10.82 13.49 -12.68
CA TRP A 313 11.23 12.45 -13.63
C TRP A 313 10.06 11.95 -14.48
N TRP A 314 10.30 11.81 -15.79
CA TRP A 314 9.31 11.22 -16.69
C TRP A 314 9.50 9.71 -16.71
N ASP A 315 8.52 8.98 -16.19
CA ASP A 315 8.56 7.52 -16.12
C ASP A 315 7.38 7.00 -16.93
N ASN A 316 7.66 6.48 -18.14
CA ASN A 316 6.61 5.94 -19.00
C ASN A 316 6.45 4.42 -18.85
N GLY A 317 7.14 3.81 -17.88
CA GLY A 317 7.01 2.39 -17.64
C GLY A 317 7.70 1.49 -18.63
N VAL A 318 8.50 2.05 -19.54
CA VAL A 318 9.19 1.28 -20.57
C VAL A 318 10.64 1.12 -20.19
N PHE A 319 11.14 -0.12 -20.22
CA PHE A 319 12.52 -0.40 -19.87
C PHE A 319 13.34 -0.98 -21.01
N GLU A 320 12.72 -1.69 -21.94
CA GLU A 320 13.42 -2.35 -23.03
C GLU A 320 12.64 -2.14 -24.32
N GLY A 321 13.26 -2.52 -25.44
CA GLY A 321 12.59 -2.47 -26.72
C GLY A 321 12.88 -1.21 -27.50
N GLU A 322 12.07 -1.00 -28.54
CA GLU A 322 12.30 0.08 -29.48
C GLU A 322 11.75 1.42 -29.01
N GLY A 323 10.87 1.43 -28.00
CA GLY A 323 10.29 2.66 -27.51
C GLY A 323 11.24 3.42 -26.61
N GLU A 324 10.77 4.58 -26.14
CA GLU A 324 11.56 5.40 -25.23
C GLU A 324 11.57 4.75 -23.85
N ARG A 325 12.75 4.51 -23.30
CA ARG A 325 12.92 3.63 -22.15
C ARG A 325 13.21 4.45 -20.89
N PHE A 326 12.18 5.13 -20.40
CA PHE A 326 12.29 6.05 -19.26
C PHE A 326 11.83 5.43 -17.95
N GLY A 327 11.60 4.12 -17.93
CA GLY A 327 11.11 3.50 -16.71
C GLY A 327 12.10 3.62 -15.57
N LEU A 328 11.57 3.78 -14.38
CA LEU A 328 12.37 3.87 -13.16
C LEU A 328 11.87 2.94 -12.06
N ILE A 329 10.56 2.85 -11.87
CA ILE A 329 9.96 1.90 -10.94
C ILE A 329 9.24 0.83 -11.73
N ASP A 330 9.44 -0.42 -11.33
CA ASP A 330 8.64 -1.55 -11.82
C ASP A 330 7.33 -1.52 -11.05
N ARG A 331 6.28 -1.01 -11.70
CA ARG A 331 5.02 -0.78 -10.99
C ARG A 331 4.37 -2.07 -10.57
N LYS A 332 4.52 -3.13 -11.37
CA LYS A 332 3.91 -4.42 -11.05
C LYS A 332 4.52 -5.02 -9.79
N ASN A 333 5.84 -4.94 -9.66
CA ASN A 333 6.53 -5.55 -8.54
C ASN A 333 6.94 -4.55 -7.46
N LEU A 334 6.69 -3.26 -7.67
CA LEU A 334 6.96 -2.21 -6.68
C LEU A 334 8.44 -2.15 -6.31
N LYS A 335 9.30 -2.15 -7.33
CA LYS A 335 10.74 -2.16 -7.15
C LYS A 335 11.39 -1.04 -7.95
N ILE A 336 12.38 -0.39 -7.33
CA ILE A 336 13.21 0.59 -8.03
C ILE A 336 14.19 -0.17 -8.91
N VAL A 337 14.09 0.01 -10.21
CA VAL A 337 14.92 -0.77 -11.14
C VAL A 337 16.32 -0.20 -11.25
N TYR A 338 16.47 1.13 -11.07
CA TYR A 338 17.75 1.81 -11.20
C TYR A 338 18.03 2.54 -9.88
N PRO A 339 18.45 1.80 -8.85
CA PRO A 339 18.59 2.41 -7.53
C PRO A 339 19.65 3.50 -7.47
N SER A 340 20.69 3.41 -8.29
CA SER A 340 21.71 4.46 -8.25
C SER A 340 21.20 5.77 -8.85
N ILE A 341 20.21 5.72 -9.74
CA ILE A 341 19.60 6.96 -10.22
C ILE A 341 18.80 7.62 -9.10
N VAL A 342 18.02 6.84 -8.37
CA VAL A 342 17.26 7.41 -7.25
C VAL A 342 18.22 7.95 -6.19
N ALA A 343 19.31 7.24 -5.93
CA ALA A 343 20.32 7.75 -5.00
C ALA A 343 20.89 9.06 -5.51
N ALA A 344 21.07 9.19 -6.81
CA ALA A 344 21.59 10.43 -7.38
C ALA A 344 20.62 11.59 -7.17
N LEU A 345 19.32 11.34 -7.36
CA LEU A 345 18.33 12.39 -7.12
C LEU A 345 18.36 12.83 -5.67
N GLN A 346 18.44 11.87 -4.74
CA GLN A 346 18.49 12.19 -3.32
C GLN A 346 19.75 12.98 -2.97
N LYS A 347 20.91 12.47 -3.38
CA LYS A 347 22.16 13.15 -3.04
C LYS A 347 22.23 14.53 -3.68
N GLY A 348 21.84 14.64 -4.95
CA GLY A 348 21.93 15.92 -5.63
C GLY A 348 20.96 16.96 -5.10
N ARG A 349 19.84 16.51 -4.52
CA ARG A 349 18.87 17.40 -3.92
C ARG A 349 19.31 17.90 -2.54
N GLY A 350 20.39 17.35 -2.00
CA GLY A 350 20.82 17.70 -0.67
C GLY A 350 20.21 16.85 0.42
N LEU A 351 19.63 15.71 0.06
CA LEU A 351 19.02 14.80 1.01
C LEU A 351 19.99 13.70 1.39
N GLU A 352 19.63 12.95 2.42
CA GLU A 352 20.40 11.77 2.79
C GLU A 352 20.01 10.60 1.90
N VAL A 353 21.01 9.87 1.42
CA VAL A 353 20.75 8.78 0.49
C VAL A 353 20.17 7.60 1.25
N ASN A 354 19.03 7.09 0.78
CA ASN A 354 18.43 5.89 1.35
C ASN A 354 17.46 5.36 0.30
N VAL A 355 17.91 4.38 -0.47
CA VAL A 355 17.10 3.81 -1.55
C VAL A 355 16.41 2.58 -1.02
N LEU A 356 15.08 2.62 -0.95
CA LEU A 356 14.29 1.52 -0.46
C LEU A 356 13.57 0.83 -1.60
N HIS A 357 13.32 -0.47 -1.43
CA HIS A 357 12.61 -1.29 -2.42
C HIS A 357 13.43 -1.46 -3.70
N ALA A 358 14.75 -1.47 -3.60
CA ALA A 358 15.59 -1.66 -4.77
C ALA A 358 15.49 -3.10 -5.28
N ILE A 359 15.58 -3.24 -6.61
CA ILE A 359 15.67 -4.55 -7.21
C ILE A 359 16.98 -5.22 -6.79
N GLU A 360 16.98 -6.55 -6.78
CA GLU A 360 18.19 -7.30 -6.48
C GLU A 360 19.20 -7.12 -7.59
N THR A 361 20.48 -7.27 -7.24
CA THR A 361 21.54 -7.28 -8.23
C THR A 361 21.59 -8.64 -8.90
N GLU A 362 21.61 -8.65 -10.23
CA GLU A 362 21.70 -9.92 -10.95
C GLU A 362 23.11 -10.09 -11.54
N SER B 1 -14.94 6.27 18.67
CA SER B 1 -13.53 6.57 18.93
C SER B 1 -13.14 6.14 20.35
N ASN B 2 -14.09 6.28 21.29
CA ASN B 2 -13.98 5.67 22.60
C ASN B 2 -15.20 4.84 22.96
N ALA B 3 -16.19 4.74 22.07
CA ALA B 3 -17.38 3.97 22.32
C ALA B 3 -17.11 2.48 22.05
N ILE B 4 -18.10 1.66 22.40
CA ILE B 4 -18.04 0.22 22.13
C ILE B 4 -19.47 -0.30 22.07
N ARG B 5 -19.75 -1.10 21.03
CA ARG B 5 -21.05 -1.74 20.94
C ARG B 5 -21.21 -2.78 22.05
N ASP B 6 -22.39 -2.81 22.65
CA ASP B 6 -22.74 -3.84 23.62
C ASP B 6 -23.43 -4.96 22.85
N ILE B 7 -22.64 -5.94 22.42
CA ILE B 7 -23.09 -6.97 21.50
C ILE B 7 -22.51 -8.30 21.94
N SER B 8 -23.31 -9.35 21.85
CA SER B 8 -22.84 -10.68 22.23
C SER B 8 -21.82 -11.21 21.24
N SER B 9 -20.99 -12.15 21.70
CA SER B 9 -20.01 -12.76 20.81
C SER B 9 -20.67 -13.51 19.67
N ILE B 10 -21.75 -14.23 19.97
CA ILE B 10 -22.47 -14.97 18.93
C ILE B 10 -22.92 -14.03 17.83
N GLU B 11 -23.41 -12.84 18.20
CA GLU B 11 -23.86 -11.89 17.19
C GLU B 11 -22.69 -11.21 16.50
N LEU B 12 -21.63 -10.89 17.25
CA LEU B 12 -20.51 -10.18 16.65
C LEU B 12 -19.77 -11.05 15.63
N ILE B 13 -19.63 -12.34 15.93
CA ILE B 13 -18.93 -13.26 15.03
C ILE B 13 -19.60 -13.33 13.66
N LYS B 14 -20.91 -13.04 13.58
CA LYS B 14 -21.59 -13.05 12.29
C LYS B 14 -21.01 -12.03 11.32
N GLU B 15 -20.37 -10.98 11.84
CA GLU B 15 -19.76 -9.95 10.99
C GLU B 15 -18.41 -10.39 10.43
N MET B 16 -17.89 -11.53 10.86
CA MET B 16 -16.57 -11.98 10.45
C MET B 16 -16.66 -12.80 9.19
N ARG B 17 -15.81 -12.47 8.21
CA ARG B 17 -15.73 -13.23 6.98
C ARG B 17 -14.71 -14.35 7.17
N PHE B 18 -13.43 -14.04 7.00
CA PHE B 18 -12.35 -14.95 7.34
C PHE B 18 -11.11 -14.14 7.67
N GLY B 19 -10.09 -14.82 8.22
CA GLY B 19 -9.01 -14.15 8.91
C GLY B 19 -7.64 -14.50 8.38
N TRP B 20 -6.64 -13.76 8.87
CA TRP B 20 -5.25 -13.94 8.50
C TRP B 20 -4.38 -13.61 9.71
N ASN B 21 -3.39 -14.47 9.96
CA ASN B 21 -2.43 -14.32 11.05
C ASN B 21 -1.16 -13.63 10.56
N LEU B 22 -0.69 -12.64 11.32
CA LEU B 22 0.64 -12.04 11.12
C LEU B 22 1.68 -12.93 11.80
N GLY B 23 1.86 -14.13 11.22
CA GLY B 23 2.67 -15.14 11.89
C GLY B 23 4.17 -14.96 11.74
N ASN B 24 4.90 -15.53 12.70
CA ASN B 24 6.36 -15.45 12.75
C ASN B 24 6.84 -14.00 12.67
N THR B 25 6.16 -13.13 13.42
CA THR B 25 6.46 -11.70 13.39
C THR B 25 6.59 -11.21 14.83
N LEU B 26 5.53 -10.65 15.41
CA LEU B 26 5.63 -10.28 16.82
C LEU B 26 5.69 -11.50 17.73
N ASP B 27 5.45 -12.71 17.20
CA ASP B 27 5.63 -13.95 17.93
C ASP B 27 7.03 -14.52 17.80
N ALA B 28 7.86 -13.98 16.91
CA ALA B 28 9.23 -14.46 16.74
C ALA B 28 10.03 -14.23 18.02
N GLU B 29 10.81 -15.24 18.40
CA GLU B 29 11.57 -15.24 19.64
C GLU B 29 13.01 -15.59 19.34
N CYS B 30 13.93 -14.64 19.58
CA CYS B 30 15.33 -14.80 19.21
C CYS B 30 16.27 -14.43 20.34
N THR B 31 15.86 -14.65 21.60
CA THR B 31 16.71 -14.26 22.72
C THR B 31 18.03 -15.02 22.77
N SER B 32 18.15 -16.13 22.03
CA SER B 32 19.38 -16.90 22.06
C SER B 32 20.55 -16.17 21.41
N TRP B 33 20.28 -15.31 20.42
CA TRP B 33 21.35 -14.60 19.73
C TRP B 33 21.14 -13.10 19.61
N MET B 34 19.93 -12.58 19.85
CA MET B 34 19.67 -11.16 19.75
C MET B 34 19.65 -10.53 21.15
N ASP B 35 20.34 -9.40 21.29
CA ASP B 35 20.31 -8.63 22.53
C ASP B 35 19.06 -7.76 22.51
N TYR B 36 18.02 -8.17 23.26
CA TYR B 36 16.78 -7.40 23.31
C TYR B 36 16.96 -6.05 23.97
N GLU B 37 17.92 -5.93 24.89
CA GLU B 37 18.23 -4.64 25.48
C GLU B 37 18.67 -3.66 24.40
N LYS B 38 19.57 -4.09 23.52
CA LYS B 38 20.09 -3.24 22.46
C LYS B 38 19.07 -3.04 21.33
N ASN B 39 18.24 -4.04 21.06
CA ASN B 39 17.26 -4.00 19.97
C ASN B 39 15.88 -4.26 20.56
N PRO B 40 15.25 -3.23 21.14
CA PRO B 40 14.01 -3.47 21.91
C PRO B 40 12.82 -3.92 21.09
N ILE B 41 12.80 -3.70 19.78
CA ILE B 41 11.69 -4.16 18.95
C ILE B 41 12.23 -4.97 17.79
N GLY B 42 13.48 -5.41 17.90
CA GLY B 42 14.12 -6.09 16.79
C GLY B 42 13.56 -7.48 16.52
N SER B 43 12.94 -8.10 17.52
CA SER B 43 12.46 -9.47 17.33
C SER B 43 11.38 -9.57 16.26
N GLU B 44 10.67 -8.47 15.97
CA GLU B 44 9.60 -8.50 14.97
C GLU B 44 10.07 -9.10 13.65
N THR B 45 11.27 -8.72 13.20
CA THR B 45 11.81 -9.18 11.93
C THR B 45 12.87 -10.26 12.11
N CYS B 46 13.02 -10.83 13.31
CA CYS B 46 14.15 -11.70 13.57
C CYS B 46 13.95 -13.12 13.05
N TRP B 47 12.75 -13.48 12.62
CA TRP B 47 12.52 -14.72 11.88
C TRP B 47 12.35 -14.46 10.38
N GLY B 48 12.78 -13.31 9.89
CA GLY B 48 12.89 -13.08 8.47
C GLY B 48 11.71 -12.41 7.80
N ASN B 49 10.66 -12.04 8.53
CA ASN B 49 9.60 -11.30 7.87
C ASN B 49 9.94 -9.82 7.82
N VAL B 50 9.40 -9.13 6.81
CA VAL B 50 9.66 -7.70 6.69
C VAL B 50 8.99 -6.96 7.84
N LYS B 51 9.49 -5.75 8.12
CA LYS B 51 8.85 -4.92 9.13
C LYS B 51 7.41 -4.65 8.70
N THR B 52 6.47 -4.85 9.64
CA THR B 52 5.06 -4.79 9.29
C THR B 52 4.64 -3.38 8.91
N ASN B 53 3.74 -3.27 7.94
CA ASN B 53 3.22 -1.98 7.51
C ASN B 53 1.74 -2.13 7.21
N GLU B 54 1.06 -0.98 7.09
CA GLU B 54 -0.38 -0.96 6.89
C GLU B 54 -0.79 -1.64 5.59
N ASP B 55 0.07 -1.54 4.57
CA ASP B 55 -0.34 -1.95 3.22
C ASP B 55 -0.48 -3.47 3.11
N ILE B 56 0.26 -4.23 3.92
CA ILE B 56 0.02 -5.66 4.04
C ILE B 56 -1.45 -5.93 4.32
N PHE B 57 -2.00 -5.23 5.31
CA PHE B 57 -3.38 -5.48 5.72
C PHE B 57 -4.38 -4.97 4.69
N LYS B 58 -4.09 -3.83 4.07
CA LYS B 58 -5.01 -3.33 3.05
C LYS B 58 -5.07 -4.28 1.85
N THR B 59 -3.94 -4.88 1.48
CA THR B 59 -3.94 -5.85 0.38
C THR B 59 -4.83 -7.03 0.69
N LEU B 60 -4.79 -7.52 1.93
CA LEU B 60 -5.64 -8.64 2.33
C LEU B 60 -7.11 -8.22 2.42
N MET B 61 -7.37 -7.00 2.91
CA MET B 61 -8.75 -6.56 3.02
C MET B 61 -9.41 -6.41 1.66
N ASP B 62 -8.63 -5.98 0.65
CA ASP B 62 -9.15 -5.97 -0.72
C ASP B 62 -9.60 -7.35 -1.16
N ASN B 63 -9.03 -8.40 -0.58
CA ASN B 63 -9.42 -9.77 -0.85
C ASN B 63 -10.46 -10.28 0.13
N GLN B 64 -11.09 -9.38 0.90
CA GLN B 64 -12.23 -9.57 1.80
C GLN B 64 -11.86 -10.21 3.13
N PHE B 65 -10.57 -10.45 3.42
CA PHE B 65 -10.16 -10.71 4.80
C PHE B 65 -10.61 -9.55 5.69
N ASN B 66 -11.19 -9.88 6.85
CA ASN B 66 -11.56 -8.81 7.79
C ASN B 66 -11.36 -9.20 9.24
N VAL B 67 -10.62 -10.26 9.52
CA VAL B 67 -10.18 -10.61 10.87
C VAL B 67 -8.68 -10.78 10.82
N PHE B 68 -7.95 -10.08 11.69
CA PHE B 68 -6.50 -10.14 11.66
C PHE B 68 -5.98 -10.48 13.04
N ARG B 69 -5.29 -11.61 13.16
CA ARG B 69 -4.76 -12.08 14.43
C ARG B 69 -3.29 -11.67 14.53
N ILE B 70 -2.94 -11.05 15.65
CA ILE B 70 -1.58 -10.56 15.87
C ILE B 70 -0.95 -11.44 16.94
N PRO B 71 -0.40 -12.60 16.59
CA PRO B 71 0.29 -13.42 17.59
C PRO B 71 1.49 -12.68 18.12
N THR B 72 1.54 -12.51 19.45
CA THR B 72 2.54 -11.67 20.07
C THR B 72 3.22 -12.43 21.19
N THR B 73 4.51 -12.66 21.04
CA THR B 73 5.34 -13.23 22.10
C THR B 73 5.89 -12.09 22.94
N TRP B 74 5.46 -12.01 24.20
CA TRP B 74 5.94 -10.97 25.08
C TRP B 74 7.21 -11.35 25.82
N THR B 75 7.57 -12.64 25.80
CA THR B 75 8.82 -13.11 26.39
C THR B 75 10.01 -12.35 25.81
N GLY B 76 10.92 -11.95 26.70
CA GLY B 76 12.05 -11.11 26.33
C GLY B 76 11.76 -9.62 26.39
N HIS B 77 10.49 -9.23 26.47
CA HIS B 77 10.09 -7.83 26.53
C HIS B 77 9.51 -7.46 27.89
N ILE B 78 9.69 -8.30 28.90
CA ILE B 78 9.05 -8.14 30.20
C ILE B 78 10.13 -8.00 31.26
N GLY B 79 9.99 -7.00 32.12
CA GLY B 79 10.90 -6.82 33.22
C GLY B 79 10.72 -7.88 34.29
N GLU B 80 11.54 -7.78 35.33
CA GLU B 80 11.53 -8.81 36.35
C GLU B 80 10.34 -8.62 37.30
N ALA B 81 10.07 -9.68 38.05
CA ALA B 81 8.98 -9.65 39.02
C ALA B 81 9.29 -8.63 40.12
N PRO B 82 8.26 -8.10 40.81
CA PRO B 82 6.82 -8.40 40.68
C PRO B 82 6.09 -7.50 39.68
N GLU B 83 6.74 -6.43 39.20
CA GLU B 83 6.07 -5.51 38.29
C GLU B 83 5.80 -6.17 36.94
N TYR B 84 6.72 -7.00 36.47
CA TYR B 84 6.64 -7.60 35.13
C TYR B 84 6.37 -6.53 34.07
N LYS B 85 7.14 -5.45 34.15
CA LYS B 85 6.89 -4.29 33.31
C LYS B 85 7.25 -4.59 31.85
N ILE B 86 6.31 -4.31 30.96
CA ILE B 86 6.52 -4.52 29.53
C ILE B 86 7.28 -3.33 28.96
N ASN B 87 8.33 -3.62 28.18
CA ASN B 87 9.10 -2.56 27.53
C ASN B 87 8.19 -1.66 26.72
N GLU B 88 8.33 -0.35 26.92
CA GLU B 88 7.39 0.60 26.33
C GLU B 88 7.58 0.74 24.83
N GLN B 89 8.81 0.56 24.34
CA GLN B 89 9.00 0.57 22.90
C GLN B 89 8.34 -0.64 22.25
N TRP B 90 8.38 -1.80 22.92
CA TRP B 90 7.68 -2.97 22.42
C TRP B 90 6.18 -2.75 22.42
N MET B 91 5.64 -2.22 23.52
CA MET B 91 4.20 -1.96 23.58
C MET B 91 3.78 -0.98 22.50
N LYS B 92 4.58 0.06 22.28
CA LYS B 92 4.28 1.03 21.23
C LYS B 92 4.24 0.37 19.86
N ARG B 93 5.18 -0.54 19.58
CA ARG B 93 5.23 -1.20 18.29
C ARG B 93 4.06 -2.17 18.13
N VAL B 94 3.71 -2.90 19.20
CA VAL B 94 2.52 -3.75 19.16
C VAL B 94 1.30 -2.90 18.87
N HIS B 95 1.20 -1.74 19.54
CA HIS B 95 0.09 -0.84 19.33
C HIS B 95 0.04 -0.33 17.90
N GLU B 96 1.19 0.04 17.33
CA GLU B 96 1.23 0.49 15.93
C GLU B 96 0.70 -0.57 14.99
N ILE B 97 1.07 -1.83 15.24
CA ILE B 97 0.68 -2.91 14.36
C ILE B 97 -0.81 -3.22 14.51
N VAL B 98 -1.31 -3.24 15.75
CA VAL B 98 -2.75 -3.41 15.96
C VAL B 98 -3.53 -2.37 15.17
N ASP B 99 -3.01 -1.15 15.12
CA ASP B 99 -3.75 -0.07 14.47
C ASP B 99 -3.81 -0.21 12.95
N TYR B 100 -2.88 -0.96 12.35
CA TYR B 100 -2.94 -1.14 10.90
C TYR B 100 -4.28 -1.74 10.47
N PRO B 101 -4.68 -2.94 10.95
CA PRO B 101 -6.03 -3.40 10.61
C PRO B 101 -7.13 -2.65 11.34
N TYR B 102 -6.91 -2.27 12.60
CA TYR B 102 -8.00 -1.69 13.39
C TYR B 102 -8.48 -0.37 12.78
N LYS B 103 -7.55 0.52 12.43
CA LYS B 103 -7.95 1.81 11.89
C LYS B 103 -8.44 1.71 10.46
N ASN B 104 -8.34 0.54 9.82
CA ASN B 104 -8.98 0.30 8.55
C ASN B 104 -10.30 -0.45 8.69
N GLY B 105 -10.82 -0.58 9.90
CA GLY B 105 -12.16 -1.10 10.12
C GLY B 105 -12.27 -2.59 10.32
N ALA B 106 -11.16 -3.31 10.44
CA ALA B 106 -11.19 -4.77 10.54
C ALA B 106 -11.23 -5.24 11.99
N PHE B 107 -11.59 -6.50 12.17
CA PHE B 107 -11.43 -7.16 13.47
C PHE B 107 -9.96 -7.48 13.72
N VAL B 108 -9.53 -7.33 14.97
CA VAL B 108 -8.15 -7.58 15.38
C VAL B 108 -8.18 -8.48 16.60
N ILE B 109 -7.38 -9.54 16.56
CA ILE B 109 -7.20 -10.44 17.71
C ILE B 109 -5.77 -10.26 18.20
N LEU B 110 -5.61 -9.80 19.44
CA LEU B 110 -4.31 -9.64 20.07
C LEU B 110 -4.18 -10.68 21.17
N ASN B 111 -3.08 -11.44 21.16
CA ASN B 111 -3.01 -12.59 22.06
C ASN B 111 -1.70 -12.56 22.86
N ILE B 112 -1.54 -13.60 23.66
CA ILE B 112 -0.25 -14.02 24.22
C ILE B 112 0.14 -15.29 23.48
N HIS B 113 1.41 -15.38 23.07
CA HIS B 113 1.75 -16.46 22.14
C HIS B 113 2.85 -17.39 22.64
N HIS B 114 4.01 -17.38 21.98
CA HIS B 114 5.11 -18.26 22.35
C HIS B 114 5.72 -17.87 23.68
N GLU B 115 4.96 -18.07 24.74
CA GLU B 115 5.30 -17.57 26.07
C GLU B 115 5.99 -18.65 26.88
N THR B 116 7.13 -18.32 27.48
CA THR B 116 7.87 -19.29 28.28
C THR B 116 7.23 -19.51 29.65
N TRP B 117 6.34 -18.63 30.09
CA TRP B 117 5.92 -18.57 31.49
C TRP B 117 4.48 -19.01 31.72
N ASN B 118 3.74 -19.40 30.68
CA ASN B 118 2.35 -19.82 30.85
C ASN B 118 2.15 -21.30 30.51
N HIS B 119 3.22 -22.09 30.61
CA HIS B 119 3.09 -23.53 30.40
C HIS B 119 2.12 -24.13 31.41
N ALA B 120 1.49 -25.24 31.02
CA ALA B 120 0.38 -25.81 31.77
C ALA B 120 0.86 -26.81 32.83
N PHE B 121 1.63 -26.29 33.79
CA PHE B 121 2.20 -27.12 34.86
C PHE B 121 1.75 -26.58 36.22
N ALA B 122 1.36 -27.50 37.11
CA ALA B 122 0.91 -27.14 38.45
C ALA B 122 2.07 -26.71 39.35
N GLU B 123 3.32 -26.86 38.90
CA GLU B 123 4.46 -26.46 39.71
C GLU B 123 4.63 -24.94 39.74
N THR B 124 4.43 -24.28 38.61
CA THR B 124 4.65 -22.85 38.47
C THR B 124 3.35 -22.05 38.37
N VAL B 125 2.20 -22.68 38.65
CA VAL B 125 0.92 -22.05 38.34
C VAL B 125 0.68 -20.83 39.22
N ASP B 126 1.19 -20.83 40.46
CA ASP B 126 0.96 -19.71 41.35
C ASP B 126 1.57 -18.43 40.80
N GLU B 127 2.86 -18.47 40.46
CA GLU B 127 3.54 -17.27 39.98
C GLU B 127 3.15 -16.96 38.54
N ALA B 128 2.94 -17.99 37.72
CA ALA B 128 2.48 -17.76 36.36
C ALA B 128 1.15 -17.02 36.34
N LYS B 129 0.27 -17.32 37.29
CA LYS B 129 -0.99 -16.58 37.41
C LYS B 129 -0.75 -15.12 37.77
N VAL B 130 0.31 -14.84 38.54
CA VAL B 130 0.63 -13.46 38.90
C VAL B 130 1.17 -12.71 37.68
N GLU B 131 2.10 -13.33 36.96
CA GLU B 131 2.63 -12.69 35.76
C GLU B 131 1.55 -12.48 34.71
N LEU B 132 0.68 -13.48 34.52
CA LEU B 132 -0.41 -13.34 33.57
C LEU B 132 -1.29 -12.15 33.90
N ALA B 133 -1.60 -11.96 35.18
CA ALA B 133 -2.41 -10.82 35.59
C ALA B 133 -1.68 -9.51 35.32
N GLN B 134 -0.41 -9.43 35.70
CA GLN B 134 0.36 -8.20 35.50
C GLN B 134 0.53 -7.86 34.04
N VAL B 135 0.73 -8.88 33.19
CA VAL B 135 0.90 -8.62 31.76
C VAL B 135 -0.43 -8.19 31.14
N TRP B 136 -1.51 -8.90 31.46
CA TRP B 136 -2.80 -8.52 30.89
C TRP B 136 -3.33 -7.21 31.49
N LYS B 137 -2.88 -6.83 32.69
CA LYS B 137 -3.26 -5.51 33.20
C LYS B 137 -2.67 -4.41 32.33
N GLN B 138 -1.43 -4.57 31.88
CA GLN B 138 -0.79 -3.54 31.07
C GLN B 138 -1.37 -3.52 29.66
N ILE B 139 -1.63 -4.70 29.09
CA ILE B 139 -2.23 -4.76 27.76
C ILE B 139 -3.63 -4.14 27.78
N ALA B 140 -4.45 -4.54 28.76
CA ALA B 140 -5.80 -4.01 28.86
C ALA B 140 -5.79 -2.49 29.04
N GLU B 141 -4.89 -1.98 29.86
CA GLU B 141 -4.78 -0.53 30.04
C GLU B 141 -4.38 0.15 28.74
N GLU B 142 -3.44 -0.43 28.01
CA GLU B 142 -2.96 0.21 26.79
C GLU B 142 -4.07 0.36 25.76
N PHE B 143 -4.97 -0.62 25.69
CA PHE B 143 -6.00 -0.68 24.65
C PHE B 143 -7.41 -0.52 25.22
N LYS B 144 -7.55 0.06 26.41
CA LYS B 144 -8.85 0.06 27.08
C LYS B 144 -9.90 0.86 26.31
N GLY B 145 -9.47 1.85 25.52
CA GLY B 145 -10.41 2.68 24.80
C GLY B 145 -10.88 2.12 23.48
N TYR B 146 -10.35 0.98 23.06
CA TYR B 146 -10.74 0.41 21.77
C TYR B 146 -12.12 -0.24 21.86
N GLY B 147 -12.78 -0.30 20.71
CA GLY B 147 -14.12 -0.86 20.61
C GLY B 147 -14.10 -2.36 20.49
N GLU B 148 -15.27 -2.92 20.13
CA GLU B 148 -15.45 -4.36 20.12
C GLU B 148 -14.69 -5.07 18.99
N ARG B 149 -14.19 -4.33 18.00
CA ARG B 149 -13.42 -5.00 16.95
C ARG B 149 -12.06 -5.46 17.43
N LEU B 150 -11.57 -4.94 18.55
CA LEU B 150 -10.31 -5.42 19.14
C LEU B 150 -10.63 -6.49 20.16
N ILE B 151 -10.23 -7.73 19.86
CA ILE B 151 -10.48 -8.89 20.70
C ILE B 151 -9.19 -9.28 21.38
N PHE B 152 -9.27 -9.64 22.68
CA PHE B 152 -8.14 -10.18 23.42
C PHE B 152 -8.24 -11.69 23.46
N GLU B 153 -7.14 -12.36 23.16
CA GLU B 153 -7.03 -13.82 23.27
C GLU B 153 -6.06 -14.12 24.39
N GLY B 154 -6.56 -14.72 25.47
CA GLY B 154 -5.80 -14.76 26.72
C GLY B 154 -4.53 -15.58 26.62
N GLN B 155 -4.63 -16.75 26.01
CA GLN B 155 -3.47 -17.57 25.76
C GLN B 155 -3.56 -18.12 24.35
N ASN B 156 -2.42 -18.61 23.86
CA ASN B 156 -2.37 -19.17 22.51
C ASN B 156 -2.70 -20.66 22.55
N ALA B 157 -1.68 -21.49 22.73
CA ALA B 157 -1.86 -22.94 22.86
C ALA B 157 -1.19 -23.40 24.15
N PRO B 158 -1.63 -22.89 25.31
CA PRO B 158 -0.98 -23.28 26.56
C PRO B 158 -1.10 -24.78 26.80
N ARG B 159 0.01 -25.39 27.16
CA ARG B 159 0.12 -26.85 27.15
C ARG B 159 1.27 -27.24 28.06
N LYS B 160 1.53 -28.54 28.12
CA LYS B 160 2.67 -29.07 28.86
C LYS B 160 3.78 -29.28 27.83
N ASN B 161 4.62 -28.25 27.67
CA ASN B 161 5.64 -28.26 26.63
C ASN B 161 6.64 -29.39 26.85
N GLY B 162 6.93 -30.13 25.78
CA GLY B 162 7.88 -31.22 25.82
C GLY B 162 7.31 -32.56 26.22
N THR B 163 6.20 -32.57 26.96
CA THR B 163 5.64 -33.80 27.50
C THR B 163 5.00 -34.65 26.40
N PRO B 164 4.76 -35.94 26.66
CA PRO B 164 4.06 -36.76 25.65
C PRO B 164 2.61 -36.35 25.44
N VAL B 165 2.01 -35.64 26.40
CA VAL B 165 0.63 -35.20 26.27
C VAL B 165 0.54 -33.77 25.72
N GLU B 166 1.63 -33.29 25.10
CA GLU B 166 1.66 -31.91 24.60
C GLU B 166 0.68 -31.74 23.46
N TRP B 167 0.72 -32.65 22.48
CA TRP B 167 -0.08 -32.52 21.26
C TRP B 167 -1.07 -33.67 21.09
N ASN B 168 -1.56 -34.26 22.19
CA ASN B 168 -2.62 -35.26 22.10
C ASN B 168 -3.77 -34.96 23.05
N GLY B 169 -3.97 -33.68 23.40
CA GLY B 169 -5.10 -33.27 24.20
C GLY B 169 -4.78 -32.98 25.66
N GLY B 170 -3.75 -33.62 26.21
CA GLY B 170 -3.31 -33.32 27.56
C GLY B 170 -3.82 -34.31 28.59
N ASP B 171 -3.65 -33.92 29.85
CA ASP B 171 -4.04 -34.74 30.99
C ASP B 171 -4.68 -33.84 32.06
N LYS B 172 -4.98 -34.46 33.21
CA LYS B 172 -5.68 -33.78 34.29
C LYS B 172 -5.00 -32.46 34.68
N GLU B 173 -3.70 -32.53 34.97
CA GLU B 173 -2.97 -31.36 35.44
C GLU B 173 -3.04 -30.22 34.44
N GLY B 174 -2.84 -30.54 33.15
CA GLY B 174 -2.87 -29.51 32.12
C GLY B 174 -4.22 -28.82 32.03
N TRP B 175 -5.30 -29.62 31.99
CA TRP B 175 -6.64 -29.04 31.94
C TRP B 175 -6.89 -28.13 33.13
N ASP B 176 -6.40 -28.51 34.31
CA ASP B 176 -6.61 -27.69 35.51
C ASP B 176 -5.81 -26.40 35.45
N VAL B 177 -4.58 -26.46 34.95
CA VAL B 177 -3.77 -25.25 34.85
C VAL B 177 -4.34 -24.29 33.83
N VAL B 178 -4.73 -24.81 32.65
CA VAL B 178 -5.26 -23.95 31.59
C VAL B 178 -6.54 -23.26 32.06
N ASN B 179 -7.43 -24.01 32.72
CA ASN B 179 -8.68 -23.42 33.18
C ASN B 179 -8.43 -22.31 34.20
N ALA B 180 -7.51 -22.55 35.14
CA ALA B 180 -7.18 -21.52 36.13
C ALA B 180 -6.55 -20.30 35.47
N MET B 181 -5.70 -20.52 34.47
CA MET B 181 -5.07 -19.41 33.78
C MET B 181 -6.08 -18.59 33.00
N ASN B 182 -6.97 -19.25 32.26
CA ASN B 182 -8.01 -18.54 31.52
C ASN B 182 -8.89 -17.72 32.47
N ALA B 183 -9.14 -18.24 33.67
CA ALA B 183 -9.98 -17.53 34.63
C ALA B 183 -9.33 -16.23 35.07
N VAL B 184 -8.03 -16.27 35.38
CA VAL B 184 -7.30 -15.07 35.76
C VAL B 184 -7.31 -14.06 34.61
N PHE B 185 -7.13 -14.52 33.38
CA PHE B 185 -7.17 -13.63 32.24
C PHE B 185 -8.54 -12.95 32.13
N LEU B 186 -9.61 -13.74 32.22
CA LEU B 186 -10.96 -13.20 32.10
C LEU B 186 -11.25 -12.19 33.21
N GLU B 187 -10.85 -12.49 34.44
CA GLU B 187 -11.14 -11.58 35.55
C GLU B 187 -10.30 -10.32 35.47
N THR B 188 -9.03 -10.45 35.09
CA THR B 188 -8.15 -9.29 35.00
C THR B 188 -8.67 -8.27 33.99
N VAL B 189 -9.08 -8.75 32.81
CA VAL B 189 -9.53 -7.83 31.77
C VAL B 189 -10.89 -7.23 32.14
N ARG B 190 -11.81 -8.06 32.65
CA ARG B 190 -13.14 -7.56 32.99
C ARG B 190 -13.07 -6.50 34.08
N SER B 191 -12.09 -6.61 34.98
CA SER B 191 -11.96 -5.67 36.09
C SER B 191 -11.20 -4.40 35.74
N SER B 192 -10.62 -4.32 34.54
CA SER B 192 -9.87 -3.13 34.17
C SER B 192 -10.82 -2.04 33.68
N GLY B 193 -10.28 -0.86 33.39
CA GLY B 193 -11.09 0.28 33.05
C GLY B 193 -11.55 0.28 31.61
N GLY B 194 -11.82 1.47 31.09
CA GLY B 194 -12.14 1.63 29.68
C GLY B 194 -13.35 0.82 29.27
N ASN B 195 -13.28 0.27 28.05
CA ASN B 195 -14.34 -0.54 27.47
C ASN B 195 -14.19 -2.02 27.77
N ASN B 196 -13.22 -2.39 28.61
CA ASN B 196 -12.80 -3.79 28.70
C ASN B 196 -13.84 -4.70 29.32
N ALA B 197 -14.77 -4.16 30.11
CA ALA B 197 -15.87 -4.99 30.59
C ALA B 197 -16.74 -5.48 29.45
N LYS B 198 -16.74 -4.78 28.32
CA LYS B 198 -17.51 -5.20 27.16
C LYS B 198 -16.62 -5.75 26.04
N ARG B 199 -15.32 -5.95 26.30
CA ARG B 199 -14.43 -6.50 25.28
C ARG B 199 -14.65 -8.00 25.15
N HIS B 200 -14.61 -8.49 23.91
CA HIS B 200 -14.76 -9.91 23.67
C HIS B 200 -13.42 -10.59 23.88
N LEU B 201 -13.46 -11.72 24.59
CA LEU B 201 -12.25 -12.38 25.07
C LEU B 201 -12.22 -13.82 24.59
N MET B 202 -11.09 -14.24 24.05
CA MET B 202 -10.91 -15.60 23.56
C MET B 202 -10.07 -16.40 24.56
N ILE B 203 -10.52 -17.62 24.85
CA ILE B 203 -9.75 -18.54 25.69
C ILE B 203 -9.67 -19.90 25.01
N PRO B 204 -8.53 -20.57 25.07
CA PRO B 204 -8.39 -21.84 24.38
C PRO B 204 -8.57 -23.01 25.33
N PRO B 205 -9.04 -24.16 24.83
CA PRO B 205 -8.83 -25.41 25.56
C PRO B 205 -7.34 -25.73 25.60
N TYR B 206 -6.96 -26.81 26.27
CA TYR B 206 -5.56 -27.21 26.33
C TYR B 206 -4.98 -27.29 24.91
N ALA B 207 -3.86 -26.58 24.71
CA ALA B 207 -3.12 -26.50 23.45
C ALA B 207 -3.93 -25.91 22.29
N ALA B 208 -5.07 -25.29 22.58
CA ALA B 208 -6.07 -24.93 21.57
C ALA B 208 -6.40 -26.13 20.67
N ALA B 209 -6.16 -27.34 21.16
CA ALA B 209 -6.26 -28.53 20.33
C ALA B 209 -7.71 -28.86 20.02
N CYS B 210 -7.96 -29.21 18.76
CA CYS B 210 -9.25 -29.76 18.35
C CYS B 210 -9.21 -31.25 18.58
N ASN B 211 -9.40 -31.63 19.85
CA ASN B 211 -9.29 -33.02 20.28
C ASN B 211 -10.41 -33.31 21.27
N GLU B 212 -10.81 -34.59 21.34
CA GLU B 212 -11.94 -34.98 22.18
C GLU B 212 -11.65 -34.78 23.67
N ASN B 213 -10.39 -34.92 24.09
CA ASN B 213 -10.05 -34.76 25.50
C ASN B 213 -10.01 -33.28 25.90
N SER B 214 -9.29 -32.46 25.14
CA SER B 214 -9.18 -31.04 25.46
C SER B 214 -10.56 -30.36 25.45
N PHE B 215 -11.41 -30.72 24.48
CA PHE B 215 -12.76 -30.18 24.42
C PHE B 215 -13.56 -30.57 25.67
N LYS B 216 -13.37 -31.80 26.15
CA LYS B 216 -14.18 -32.34 27.25
C LYS B 216 -13.98 -31.54 28.53
N ASN B 217 -12.73 -31.47 29.01
CA ASN B 217 -12.39 -30.93 30.32
C ASN B 217 -12.12 -29.43 30.29
N PHE B 218 -12.78 -28.71 29.40
CA PHE B 218 -12.51 -27.30 29.15
C PHE B 218 -13.62 -26.47 29.81
N ASP B 219 -13.25 -25.72 30.84
CA ASP B 219 -14.20 -24.85 31.53
C ASP B 219 -14.56 -23.65 30.66
N PHE B 220 -15.85 -23.44 30.45
CA PHE B 220 -16.28 -22.25 29.74
C PHE B 220 -17.30 -21.49 30.58
N PRO B 221 -17.20 -20.18 30.64
CA PRO B 221 -18.12 -19.41 31.49
C PRO B 221 -19.55 -19.48 30.99
N GLU B 222 -20.46 -19.70 31.92
CA GLU B 222 -21.86 -19.36 31.74
C GLU B 222 -22.11 -18.05 32.46
N ASP B 223 -22.91 -17.18 31.83
CA ASP B 223 -23.17 -15.80 32.24
C ASP B 223 -22.04 -14.86 31.86
N ASP B 224 -21.41 -15.11 30.70
CA ASP B 224 -20.58 -14.11 30.05
C ASP B 224 -20.68 -14.39 28.55
N ASP B 225 -21.58 -13.68 27.87
CA ASP B 225 -21.84 -13.88 26.46
C ASP B 225 -20.83 -13.15 25.56
N LYS B 226 -19.74 -12.66 26.13
CA LYS B 226 -18.68 -12.00 25.38
C LYS B 226 -17.35 -12.75 25.49
N VAL B 227 -17.42 -14.07 25.65
CA VAL B 227 -16.25 -14.93 25.69
C VAL B 227 -16.35 -15.92 24.55
N ILE B 228 -15.20 -16.24 23.95
CA ILE B 228 -15.13 -17.05 22.74
C ILE B 228 -14.09 -18.14 22.95
N ALA B 229 -14.41 -19.35 22.50
CA ALA B 229 -13.45 -20.44 22.53
C ALA B 229 -12.47 -20.30 21.37
N SER B 230 -11.18 -20.47 21.68
CA SER B 230 -10.11 -20.32 20.69
C SER B 230 -9.55 -21.71 20.37
N VAL B 231 -9.69 -22.12 19.12
CA VAL B 231 -9.31 -23.46 18.68
C VAL B 231 -8.40 -23.33 17.46
N HIS B 232 -7.38 -24.19 17.40
CA HIS B 232 -6.55 -24.35 16.22
C HIS B 232 -6.80 -25.73 15.63
N ALA B 233 -6.86 -25.81 14.30
CA ALA B 233 -7.16 -27.11 13.68
C ALA B 233 -6.55 -27.22 12.28
N TYR B 234 -5.27 -27.58 12.23
CA TYR B 234 -4.58 -27.84 10.97
C TYR B 234 -4.91 -29.27 10.51
N SER B 235 -6.14 -29.43 10.02
CA SER B 235 -6.68 -30.74 9.73
C SER B 235 -6.95 -30.88 8.23
N PRO B 236 -6.67 -32.04 7.63
CA PRO B 236 -6.09 -33.26 8.23
C PRO B 236 -4.57 -33.14 8.39
N TYR B 237 -4.01 -33.83 9.39
CA TYR B 237 -2.64 -33.54 9.84
C TYR B 237 -1.61 -33.81 8.75
N ASN B 238 -1.60 -35.03 8.20
CA ASN B 238 -0.53 -35.37 7.26
C ASN B 238 -0.51 -34.44 6.06
N PHE B 239 -1.68 -33.98 5.62
CA PHE B 239 -1.77 -33.09 4.46
C PHE B 239 -1.43 -31.65 4.83
N ALA B 240 -1.89 -31.18 5.99
CA ALA B 240 -1.80 -29.76 6.28
C ALA B 240 -0.53 -29.36 7.04
N LEU B 241 -0.14 -30.13 8.05
CA LEU B 241 0.83 -29.67 9.05
C LEU B 241 2.08 -30.54 9.16
N ASN B 242 1.98 -31.83 8.85
CA ASN B 242 3.13 -32.73 8.99
C ASN B 242 4.30 -32.25 8.15
N ASN B 243 5.39 -31.87 8.82
CA ASN B 243 6.61 -31.43 8.16
C ASN B 243 7.71 -32.48 8.22
N GLY B 244 7.35 -33.75 8.38
CA GLY B 244 8.31 -34.83 8.43
C GLY B 244 7.79 -36.07 7.71
N GLU B 245 8.08 -37.25 8.26
CA GLU B 245 7.65 -38.48 7.62
C GLU B 245 6.16 -38.71 7.88
N GLY B 246 5.47 -39.19 6.84
CA GLY B 246 4.03 -39.32 6.87
C GLY B 246 3.29 -38.20 6.18
N ALA B 247 3.96 -37.09 5.87
CA ALA B 247 3.30 -35.98 5.17
C ALA B 247 2.82 -36.43 3.81
N VAL B 248 1.66 -35.91 3.39
CA VAL B 248 1.08 -36.21 2.09
C VAL B 248 0.70 -34.90 1.42
N ASP B 249 0.60 -34.93 0.10
CA ASP B 249 0.36 -33.72 -0.67
C ASP B 249 -0.97 -33.71 -1.40
N LYS B 250 -1.84 -34.70 -1.17
CA LYS B 250 -3.16 -34.71 -1.76
C LYS B 250 -4.21 -34.77 -0.66
N PHE B 251 -5.30 -34.04 -0.87
CA PHE B 251 -6.48 -34.09 0.01
C PHE B 251 -7.38 -35.20 -0.51
N ASP B 252 -7.23 -36.39 0.05
CA ASP B 252 -7.90 -37.58 -0.45
C ASP B 252 -9.09 -37.93 0.44
N ALA B 253 -9.70 -39.10 0.18
CA ALA B 253 -10.89 -39.50 0.92
C ALA B 253 -10.59 -39.64 2.41
N SER B 254 -9.45 -40.23 2.75
CA SER B 254 -9.06 -40.38 4.15
C SER B 254 -8.83 -39.01 4.80
N GLY B 255 -8.16 -38.10 4.10
CA GLY B 255 -8.00 -36.76 4.64
C GLY B 255 -9.34 -36.10 4.94
N LYS B 256 -10.33 -36.32 4.06
CA LYS B 256 -11.64 -35.73 4.25
C LYS B 256 -12.34 -36.32 5.48
N ASN B 257 -12.21 -37.64 5.69
CA ASN B 257 -12.78 -38.26 6.88
C ASN B 257 -12.17 -37.67 8.15
N GLU B 258 -10.86 -37.47 8.16
CA GLU B 258 -10.22 -36.88 9.34
C GLU B 258 -10.70 -35.46 9.56
N LEU B 259 -10.81 -34.67 8.49
CA LEU B 259 -11.28 -33.30 8.63
C LEU B 259 -12.74 -33.26 9.07
N ASP B 260 -13.57 -34.14 8.51
CA ASP B 260 -14.97 -34.21 8.93
C ASP B 260 -15.10 -34.57 10.40
N TRP B 261 -14.30 -35.55 10.85
CA TRP B 261 -14.29 -35.94 12.25
C TRP B 261 -14.00 -34.75 13.16
N ASN B 262 -12.98 -33.96 12.80
CA ASN B 262 -12.62 -32.81 13.62
C ASN B 262 -13.68 -31.72 13.56
N ILE B 263 -14.23 -31.47 12.37
CA ILE B 263 -15.30 -30.48 12.27
C ILE B 263 -16.49 -30.90 13.11
N ASN B 264 -16.82 -32.20 13.08
CA ASN B 264 -17.93 -32.70 13.89
C ASN B 264 -17.64 -32.59 15.38
N LEU B 265 -16.37 -32.72 15.79
CA LEU B 265 -16.02 -32.45 17.18
C LEU B 265 -16.30 -30.99 17.54
N MET B 266 -15.92 -30.06 16.65
CA MET B 266 -16.22 -28.65 16.89
C MET B 266 -17.72 -28.43 17.02
N LYS B 267 -18.50 -29.07 16.16
CA LYS B 267 -19.95 -28.92 16.19
C LYS B 267 -20.52 -29.39 17.52
N LYS B 268 -20.12 -30.58 17.96
CA LYS B 268 -20.70 -31.15 19.18
C LYS B 268 -20.28 -30.38 20.42
N ARG B 269 -19.01 -29.96 20.48
CA ARG B 269 -18.52 -29.35 21.71
C ARG B 269 -18.92 -27.88 21.82
N PHE B 270 -18.90 -27.14 20.71
CA PHE B 270 -19.10 -25.70 20.78
C PHE B 270 -20.41 -25.25 20.13
N VAL B 271 -20.59 -25.51 18.84
CA VAL B 271 -21.74 -24.94 18.13
C VAL B 271 -23.04 -25.46 18.73
N ASP B 272 -23.11 -26.76 19.04
CA ASP B 272 -24.34 -27.34 19.56
C ASP B 272 -24.58 -26.99 21.02
N GLN B 273 -23.57 -26.46 21.72
CA GLN B 273 -23.75 -26.02 23.10
C GLN B 273 -23.84 -24.49 23.20
N GLY B 274 -24.10 -23.82 22.08
CA GLY B 274 -24.25 -22.38 22.09
C GLY B 274 -23.00 -21.62 22.45
N ILE B 275 -21.84 -22.25 22.37
CA ILE B 275 -20.58 -21.66 22.82
C ILE B 275 -19.88 -21.06 21.59
N PRO B 276 -19.78 -19.73 21.50
CA PRO B 276 -19.10 -19.14 20.34
C PRO B 276 -17.65 -19.60 20.28
N MET B 277 -17.19 -19.86 19.06
CA MET B 277 -15.84 -20.35 18.83
CA MET B 277 -15.83 -20.33 18.84
C MET B 277 -15.28 -19.74 17.56
N ILE B 278 -13.98 -19.47 17.57
CA ILE B 278 -13.25 -19.00 16.41
C ILE B 278 -12.09 -19.94 16.16
N LEU B 279 -11.93 -20.38 14.92
CA LEU B 279 -10.77 -21.17 14.52
CA LEU B 279 -10.77 -21.17 14.51
C LEU B 279 -9.63 -20.20 14.26
N GLY B 280 -8.88 -19.89 15.33
CA GLY B 280 -7.89 -18.82 15.28
C GLY B 280 -6.66 -19.15 14.46
N GLU B 281 -6.40 -20.42 14.20
CA GLU B 281 -5.27 -20.84 13.37
C GLU B 281 -5.65 -22.08 12.59
N TYR B 282 -5.28 -22.10 11.32
CA TYR B 282 -5.34 -23.30 10.49
C TYR B 282 -4.59 -22.98 9.21
N GLY B 283 -4.28 -24.02 8.44
CA GLY B 283 -3.66 -23.82 7.15
C GLY B 283 -3.11 -25.13 6.65
N ALA B 284 -2.69 -25.11 5.40
CA ALA B 284 -2.03 -26.25 4.78
C ALA B 284 -0.76 -25.75 4.11
N MET B 285 0.36 -26.39 4.38
CA MET B 285 1.61 -25.82 3.92
C MET B 285 1.88 -26.17 2.46
N ASN B 286 2.74 -25.36 1.85
CA ASN B 286 3.10 -25.51 0.44
C ASN B 286 3.82 -26.83 0.22
N ARG B 287 3.22 -27.70 -0.60
CA ARG B 287 3.87 -28.92 -1.08
C ARG B 287 3.82 -28.98 -2.60
N ASP B 288 3.99 -27.82 -3.25
CA ASP B 288 3.78 -27.68 -4.69
C ASP B 288 2.46 -28.32 -5.11
N ASN B 289 1.39 -27.88 -4.46
CA ASN B 289 0.10 -28.56 -4.57
C ASN B 289 -1.03 -27.54 -4.40
N GLU B 290 -0.98 -26.44 -5.16
CA GLU B 290 -1.93 -25.37 -4.91
C GLU B 290 -3.37 -25.80 -5.18
N GLU B 291 -3.58 -26.61 -6.21
CA GLU B 291 -4.95 -27.00 -6.52
C GLU B 291 -5.50 -27.96 -5.48
N GLU B 292 -4.67 -28.85 -4.93
CA GLU B 292 -5.11 -29.70 -3.82
C GLU B 292 -5.46 -28.85 -2.60
N ARG B 293 -4.64 -27.85 -2.29
CA ARG B 293 -4.92 -26.99 -1.15
C ARG B 293 -6.13 -26.11 -1.40
N ALA B 294 -6.34 -25.66 -2.63
CA ALA B 294 -7.52 -24.87 -2.93
C ALA B 294 -8.79 -25.68 -2.75
N ALA B 295 -8.79 -26.94 -3.20
CA ALA B 295 -9.93 -27.82 -2.99
C ALA B 295 -10.17 -28.04 -1.50
N TRP B 296 -9.11 -28.35 -0.75
CA TRP B 296 -9.22 -28.52 0.70
C TRP B 296 -9.72 -27.24 1.36
N ALA B 297 -9.16 -26.09 1.01
CA ALA B 297 -9.54 -24.85 1.65
C ALA B 297 -11.01 -24.52 1.40
N GLU B 298 -11.49 -24.69 0.16
CA GLU B 298 -12.89 -24.40 -0.11
C GLU B 298 -13.81 -25.33 0.66
N TYR B 299 -13.50 -26.64 0.67
CA TYR B 299 -14.30 -27.60 1.43
C TYR B 299 -14.34 -27.22 2.91
N TYR B 300 -13.16 -27.03 3.50
CA TYR B 300 -13.06 -26.66 4.91
C TYR B 300 -13.89 -25.40 5.20
N MET B 301 -13.69 -24.35 4.40
CA MET B 301 -14.42 -23.10 4.62
C MET B 301 -15.92 -23.31 4.48
N GLU B 302 -16.36 -24.07 3.48
CA GLU B 302 -17.79 -24.26 3.29
C GLU B 302 -18.40 -24.97 4.48
N LYS B 303 -17.72 -25.99 5.02
CA LYS B 303 -18.29 -26.78 6.12
C LYS B 303 -18.42 -25.94 7.39
N ILE B 304 -17.37 -25.22 7.78
CA ILE B 304 -17.47 -24.47 9.03
C ILE B 304 -18.33 -23.22 8.87
N THR B 305 -18.43 -22.67 7.66
CA THR B 305 -19.33 -21.54 7.45
C THR B 305 -20.78 -21.95 7.71
N ALA B 306 -21.14 -23.19 7.35
CA ALA B 306 -22.48 -23.69 7.64
C ALA B 306 -22.72 -23.83 9.14
N LEU B 307 -21.65 -23.92 9.93
CA LEU B 307 -21.76 -23.95 11.38
C LEU B 307 -21.66 -22.56 12.00
N GLY B 308 -21.42 -21.53 11.20
CA GLY B 308 -21.26 -20.19 11.71
C GLY B 308 -19.91 -19.90 12.33
N VAL B 309 -18.90 -20.74 12.06
CA VAL B 309 -17.60 -20.62 12.70
C VAL B 309 -16.62 -20.02 11.69
N PRO B 310 -15.97 -18.90 12.01
CA PRO B 310 -14.95 -18.34 11.11
C PRO B 310 -13.58 -18.95 11.40
N GLN B 311 -12.71 -18.89 10.39
CA GLN B 311 -11.36 -19.42 10.53
C GLN B 311 -10.34 -18.39 10.04
N VAL B 312 -9.13 -18.52 10.57
CA VAL B 312 -8.07 -17.52 10.44
C VAL B 312 -6.82 -18.23 9.93
N TRP B 313 -6.44 -17.95 8.69
CA TRP B 313 -5.29 -18.60 8.08
C TRP B 313 -4.00 -18.24 8.82
N TRP B 314 -3.17 -19.26 9.09
CA TRP B 314 -1.86 -19.05 9.69
C TRP B 314 -0.85 -18.77 8.57
N ASP B 315 -0.33 -17.55 8.53
CA ASP B 315 0.65 -17.13 7.52
C ASP B 315 1.94 -16.77 8.25
N ASN B 316 2.94 -17.63 8.14
CA ASN B 316 4.24 -17.39 8.78
C ASN B 316 5.24 -16.77 7.82
N GLY B 317 4.83 -16.45 6.60
CA GLY B 317 5.73 -15.81 5.65
C GLY B 317 6.75 -16.72 5.03
N VAL B 318 6.63 -18.03 5.21
CA VAL B 318 7.57 -19.02 4.69
C VAL B 318 6.93 -19.72 3.51
N PHE B 319 7.63 -19.76 2.38
CA PHE B 319 7.16 -20.43 1.18
C PHE B 319 8.04 -21.57 0.73
N GLU B 320 9.33 -21.54 1.04
CA GLU B 320 10.29 -22.53 0.57
C GLU B 320 11.06 -23.11 1.75
N GLY B 321 11.82 -24.16 1.47
CA GLY B 321 12.78 -24.67 2.44
C GLY B 321 12.21 -25.76 3.31
N GLU B 322 12.98 -26.08 4.35
CA GLU B 322 12.60 -27.19 5.23
C GLU B 322 11.73 -26.76 6.40
N GLY B 323 11.44 -25.47 6.53
CA GLY B 323 10.51 -25.02 7.54
C GLY B 323 9.07 -25.26 7.15
N GLU B 324 8.15 -24.87 8.04
CA GLU B 324 6.73 -24.94 7.74
C GLU B 324 6.35 -23.83 6.77
N ARG B 325 5.76 -24.20 5.63
CA ARG B 325 5.62 -23.27 4.51
C ARG B 325 4.16 -22.81 4.39
N PHE B 326 3.77 -21.90 5.30
CA PHE B 326 2.39 -21.47 5.39
C PHE B 326 2.14 -20.10 4.76
N GLY B 327 3.10 -19.56 4.01
CA GLY B 327 2.93 -18.23 3.46
C GLY B 327 1.82 -18.16 2.44
N LEU B 328 1.13 -17.03 2.42
CA LEU B 328 0.04 -16.79 1.47
C LEU B 328 0.16 -15.46 0.75
N ILE B 329 0.52 -14.40 1.45
CA ILE B 329 0.85 -13.13 0.83
C ILE B 329 2.35 -12.92 0.91
N ASP B 330 2.96 -12.51 -0.19
CA ASP B 330 4.32 -12.01 -0.20
C ASP B 330 4.28 -10.59 0.36
N ARG B 331 4.70 -10.44 1.61
CA ARG B 331 4.59 -9.14 2.28
C ARG B 331 5.51 -8.11 1.66
N LYS B 332 6.60 -8.54 1.03
CA LYS B 332 7.54 -7.60 0.44
C LYS B 332 6.94 -6.96 -0.82
N ASN B 333 6.29 -7.75 -1.66
CA ASN B 333 5.77 -7.27 -2.93
C ASN B 333 4.25 -7.05 -2.92
N LEU B 334 3.59 -7.33 -1.79
CA LEU B 334 2.15 -7.12 -1.63
C LEU B 334 1.33 -7.93 -2.64
N LYS B 335 1.71 -9.18 -2.85
CA LYS B 335 1.06 -10.02 -3.85
C LYS B 335 0.58 -11.32 -3.24
N ILE B 336 -0.60 -11.78 -3.67
CA ILE B 336 -1.14 -13.06 -3.25
C ILE B 336 -0.42 -14.15 -4.02
N VAL B 337 0.32 -15.01 -3.31
CA VAL B 337 1.17 -16.00 -3.97
C VAL B 337 0.35 -17.19 -4.46
N TYR B 338 -0.70 -17.57 -3.74
CA TYR B 338 -1.53 -18.73 -4.11
C TYR B 338 -2.96 -18.24 -4.29
N PRO B 339 -3.25 -17.57 -5.41
CA PRO B 339 -4.56 -16.91 -5.56
C PRO B 339 -5.73 -17.89 -5.59
N SER B 340 -5.53 -19.13 -6.05
CA SER B 340 -6.64 -20.08 -6.02
C SER B 340 -7.03 -20.46 -4.61
N ILE B 341 -6.12 -20.34 -3.64
CA ILE B 341 -6.49 -20.59 -2.25
C ILE B 341 -7.34 -19.45 -1.72
N VAL B 342 -6.97 -18.21 -2.04
CA VAL B 342 -7.80 -17.07 -1.62
C VAL B 342 -9.16 -17.14 -2.29
N ALA B 343 -9.20 -17.50 -3.58
CA ALA B 343 -10.48 -17.72 -4.24
C ALA B 343 -11.30 -18.79 -3.53
N ALA B 344 -10.63 -19.83 -3.03
CA ALA B 344 -11.34 -20.90 -2.32
C ALA B 344 -11.95 -20.39 -1.02
N LEU B 345 -11.24 -19.51 -0.31
CA LEU B 345 -11.81 -18.95 0.90
C LEU B 345 -13.03 -18.10 0.58
N GLN B 346 -12.94 -17.25 -0.45
CA GLN B 346 -14.07 -16.40 -0.81
C GLN B 346 -15.27 -17.25 -1.24
N LYS B 347 -15.03 -18.27 -2.07
CA LYS B 347 -16.13 -19.11 -2.55
C LYS B 347 -16.76 -19.90 -1.41
N GLY B 348 -15.93 -20.55 -0.59
CA GLY B 348 -16.47 -21.37 0.49
C GLY B 348 -17.20 -20.57 1.53
N ARG B 349 -16.81 -19.31 1.74
CA ARG B 349 -17.47 -18.42 2.68
C ARG B 349 -18.81 -17.93 2.16
N GLY B 350 -19.12 -18.18 0.90
CA GLY B 350 -20.34 -17.67 0.29
C GLY B 350 -20.21 -16.30 -0.32
N LEU B 351 -18.99 -15.81 -0.53
CA LEU B 351 -18.74 -14.48 -1.05
C LEU B 351 -18.53 -14.52 -2.56
N GLU B 352 -18.48 -13.34 -3.16
CA GLU B 352 -18.13 -13.22 -4.56
C GLU B 352 -16.63 -13.48 -4.74
N VAL B 353 -16.29 -14.35 -5.69
CA VAL B 353 -14.87 -14.62 -5.94
C VAL B 353 -14.28 -13.47 -6.73
N ASN B 354 -13.21 -12.88 -6.21
CA ASN B 354 -12.54 -11.77 -6.88
C ASN B 354 -11.19 -11.60 -6.18
N VAL B 355 -10.18 -12.29 -6.69
CA VAL B 355 -8.84 -12.26 -6.10
C VAL B 355 -8.07 -11.09 -6.71
N LEU B 356 -7.63 -10.18 -5.85
CA LEU B 356 -6.91 -8.99 -6.27
C LEU B 356 -5.44 -9.10 -5.85
N HIS B 357 -4.57 -8.48 -6.65
CA HIS B 357 -3.14 -8.40 -6.37
C HIS B 357 -2.46 -9.76 -6.41
N ALA B 358 -2.92 -10.65 -7.28
CA ALA B 358 -2.29 -11.95 -7.41
C ALA B 358 -0.87 -11.83 -7.96
N ILE B 359 -0.01 -12.75 -7.55
CA ILE B 359 1.33 -12.79 -8.10
C ILE B 359 1.26 -13.13 -9.59
N GLU B 360 2.31 -12.76 -10.31
CA GLU B 360 2.35 -13.05 -11.74
C GLU B 360 2.60 -14.53 -11.98
N THR B 361 1.77 -15.14 -12.83
CA THR B 361 2.00 -16.53 -13.23
C THR B 361 3.34 -16.64 -13.95
N GLU B 362 4.16 -17.60 -13.50
CA GLU B 362 5.49 -17.76 -14.06
C GLU B 362 5.45 -18.57 -15.35
#